data_2YSI
#
_entry.id   2YSI
#
_entity_poly.entity_id   1
_entity_poly.type   'polypeptide(L)'
_entity_poly.pdbx_seq_one_letter_code
;GSSGSSGTEEIWVENKTPDGKVYYYNARTRESAWTKPDGV
;
_entity_poly.pdbx_strand_id   A
#
# COMPACT_ATOMS: atom_id res chain seq x y z
N GLY A 1 -13.06 -3.48 -16.84
CA GLY A 1 -11.84 -4.28 -16.88
C GLY A 1 -10.82 -3.71 -17.85
N SER A 2 -11.06 -3.87 -19.14
CA SER A 2 -10.15 -3.37 -20.16
C SER A 2 -9.61 -2.00 -19.79
N SER A 3 -10.53 -1.06 -19.58
CA SER A 3 -10.15 0.31 -19.22
C SER A 3 -10.29 0.54 -17.72
N GLY A 4 -9.85 1.70 -17.25
CA GLY A 4 -9.94 2.02 -15.84
C GLY A 4 -8.72 1.59 -15.07
N SER A 5 -7.68 2.42 -15.07
CA SER A 5 -6.44 2.11 -14.38
C SER A 5 -6.14 3.16 -13.32
N SER A 6 -5.66 2.71 -12.16
CA SER A 6 -5.34 3.60 -11.06
C SER A 6 -4.32 4.65 -11.50
N GLY A 7 -3.17 4.18 -11.96
CA GLY A 7 -2.12 5.08 -12.40
C GLY A 7 -0.91 5.06 -11.49
N THR A 8 -0.68 6.17 -10.79
CA THR A 8 0.44 6.28 -9.88
C THR A 8 0.04 5.92 -8.45
N GLU A 9 0.85 5.11 -7.79
CA GLU A 9 0.58 4.70 -6.43
C GLU A 9 1.70 5.13 -5.49
N GLU A 10 1.39 5.20 -4.19
CA GLU A 10 2.37 5.59 -3.19
C GLU A 10 3.62 4.71 -3.27
N ILE A 11 4.61 5.01 -2.44
CA ILE A 11 5.84 4.24 -2.40
C ILE A 11 5.65 2.91 -1.68
N TRP A 12 4.41 2.60 -1.35
CA TRP A 12 4.09 1.37 -0.64
C TRP A 12 4.01 0.20 -1.62
N VAL A 13 4.08 -1.02 -1.08
CA VAL A 13 4.03 -2.22 -1.91
C VAL A 13 2.77 -3.02 -1.62
N GLU A 14 2.18 -3.60 -2.67
CA GLU A 14 0.97 -4.39 -2.53
C GLU A 14 1.29 -5.83 -2.17
N ASN A 15 0.74 -6.30 -1.06
CA ASN A 15 0.97 -7.67 -0.60
C ASN A 15 -0.29 -8.25 0.03
N LYS A 16 -0.22 -9.53 0.41
CA LYS A 16 -1.35 -10.20 1.02
C LYS A 16 -0.89 -11.18 2.09
N THR A 17 -1.31 -10.95 3.33
CA THR A 17 -0.94 -11.81 4.44
C THR A 17 -1.22 -13.28 4.13
N PRO A 18 -0.53 -14.18 4.85
CA PRO A 18 -0.69 -15.62 4.67
C PRO A 18 -2.05 -16.12 5.15
N ASP A 19 -2.92 -15.19 5.53
CA ASP A 19 -4.26 -15.53 6.01
C ASP A 19 -5.30 -15.24 4.95
N GLY A 20 -5.05 -14.22 4.13
CA GLY A 20 -5.98 -13.85 3.08
C GLY A 20 -6.42 -12.40 3.18
N LYS A 21 -5.49 -11.52 3.50
CA LYS A 21 -5.78 -10.10 3.63
C LYS A 21 -4.72 -9.25 2.93
N VAL A 22 -5.16 -8.41 2.01
CA VAL A 22 -4.25 -7.54 1.27
C VAL A 22 -3.82 -6.35 2.10
N TYR A 23 -2.50 -6.13 2.19
CA TYR A 23 -1.96 -5.03 2.97
C TYR A 23 -0.93 -4.25 2.15
N TYR A 24 -0.40 -3.18 2.74
CA TYR A 24 0.60 -2.35 2.07
C TYR A 24 1.85 -2.21 2.93
N TYR A 25 3.01 -2.38 2.31
CA TYR A 25 4.28 -2.27 3.00
C TYR A 25 5.09 -1.07 2.51
N ASN A 26 5.50 -0.22 3.45
CA ASN A 26 6.27 0.96 3.11
C ASN A 26 7.76 0.65 3.02
N ALA A 27 8.40 1.10 1.95
CA ALA A 27 9.82 0.86 1.75
C ALA A 27 10.66 1.91 2.46
N ARG A 28 10.00 2.97 2.93
CA ARG A 28 10.69 4.05 3.63
C ARG A 28 10.77 3.76 5.13
N THR A 29 9.65 3.32 5.70
CA THR A 29 9.60 3.01 7.12
C THR A 29 9.72 1.51 7.37
N ARG A 30 9.51 0.73 6.31
CA ARG A 30 9.60 -0.72 6.41
C ARG A 30 8.54 -1.27 7.35
N GLU A 31 7.35 -0.67 7.31
CA GLU A 31 6.24 -1.10 8.16
C GLU A 31 5.14 -1.75 7.35
N SER A 32 4.14 -2.30 8.03
CA SER A 32 3.02 -2.95 7.36
C SER A 32 1.69 -2.36 7.83
N ALA A 33 0.88 -1.93 6.88
CA ALA A 33 -0.42 -1.35 7.18
C ALA A 33 -1.44 -1.66 6.08
N TRP A 34 -2.59 -2.17 6.49
CA TRP A 34 -3.65 -2.51 5.53
C TRP A 34 -3.78 -1.44 4.46
N THR A 35 -4.04 -0.21 4.88
CA THR A 35 -4.20 0.90 3.95
C THR A 35 -3.00 1.85 4.02
N LYS A 36 -2.84 2.66 2.98
CA LYS A 36 -1.72 3.61 2.93
C LYS A 36 -2.16 4.97 3.47
N PRO A 37 -1.23 5.65 4.17
CA PRO A 37 -1.49 6.97 4.74
C PRO A 37 -1.62 8.05 3.67
N ASP A 38 -2.20 9.19 4.05
CA ASP A 38 -2.38 10.30 3.12
C ASP A 38 -1.42 11.45 3.46
N GLY A 39 -1.20 12.33 2.49
CA GLY A 39 -0.30 13.46 2.71
C GLY A 39 1.15 13.04 2.70
N VAL A 40 1.52 12.19 1.75
CA VAL A 40 2.89 11.72 1.64
C VAL A 40 3.65 12.48 0.56
N GLY A 1 -9.78 -3.31 -7.64
CA GLY A 1 -9.97 -3.65 -6.23
C GLY A 1 -9.00 -2.91 -5.33
N SER A 2 -9.30 -1.64 -5.05
CA SER A 2 -8.45 -0.82 -4.21
C SER A 2 -7.06 -0.65 -4.82
N SER A 3 -7.02 -0.43 -6.13
CA SER A 3 -5.76 -0.27 -6.84
C SER A 3 -5.32 1.20 -6.81
N GLY A 4 -6.26 2.10 -7.05
CA GLY A 4 -5.95 3.52 -7.06
C GLY A 4 -6.96 4.34 -7.85
N SER A 5 -7.79 5.09 -7.13
CA SER A 5 -8.81 5.90 -7.77
C SER A 5 -8.30 7.33 -8.00
N SER A 6 -7.63 7.88 -7.01
CA SER A 6 -7.08 9.22 -7.09
C SER A 6 -6.18 9.37 -8.33
N GLY A 7 -5.27 8.41 -8.50
CA GLY A 7 -4.36 8.45 -9.63
C GLY A 7 -3.12 7.61 -9.41
N THR A 8 -1.97 8.27 -9.38
CA THR A 8 -0.70 7.58 -9.18
C THR A 8 -0.67 6.89 -7.82
N GLU A 9 -0.07 5.70 -7.79
CA GLU A 9 0.02 4.93 -6.55
C GLU A 9 1.11 5.50 -5.64
N GLU A 10 1.22 4.95 -4.44
CA GLU A 10 2.21 5.40 -3.47
C GLU A 10 3.47 4.54 -3.56
N ILE A 11 4.47 4.90 -2.74
CA ILE A 11 5.73 4.16 -2.72
C ILE A 11 5.58 2.86 -1.96
N TRP A 12 4.35 2.53 -1.58
CA TRP A 12 4.08 1.30 -0.84
C TRP A 12 4.00 0.11 -1.79
N VAL A 13 4.16 -1.09 -1.23
CA VAL A 13 4.10 -2.32 -2.03
C VAL A 13 2.83 -3.10 -1.75
N GLU A 14 2.32 -3.77 -2.77
CA GLU A 14 1.09 -4.56 -2.64
C GLU A 14 1.41 -5.99 -2.24
N ASN A 15 0.85 -6.41 -1.11
CA ASN A 15 1.07 -7.77 -0.60
C ASN A 15 -0.20 -8.33 0.02
N LYS A 16 -0.16 -9.60 0.40
CA LYS A 16 -1.31 -10.26 1.01
C LYS A 16 -0.87 -11.15 2.17
N THR A 17 -1.38 -10.86 3.36
CA THR A 17 -1.04 -11.62 4.55
C THR A 17 -1.25 -13.12 4.32
N PRO A 18 -0.52 -13.94 5.08
CA PRO A 18 -0.62 -15.40 4.98
C PRO A 18 -1.95 -15.93 5.49
N ASP A 19 -2.87 -15.03 5.79
CA ASP A 19 -4.19 -15.41 6.28
C ASP A 19 -5.26 -15.12 5.24
N GLY A 20 -4.96 -14.20 4.34
CA GLY A 20 -5.92 -13.83 3.30
C GLY A 20 -6.38 -12.40 3.41
N LYS A 21 -5.43 -11.48 3.55
CA LYS A 21 -5.75 -10.06 3.67
C LYS A 21 -4.71 -9.20 2.95
N VAL A 22 -5.15 -8.46 1.95
CA VAL A 22 -4.25 -7.60 1.19
C VAL A 22 -3.84 -6.38 2.01
N TYR A 23 -2.53 -6.14 2.08
CA TYR A 23 -2.00 -5.01 2.83
C TYR A 23 -0.95 -4.26 2.02
N TYR A 24 -0.43 -3.18 2.59
CA TYR A 24 0.59 -2.38 1.93
C TYR A 24 1.83 -2.22 2.81
N TYR A 25 3.00 -2.38 2.20
CA TYR A 25 4.25 -2.26 2.92
C TYR A 25 5.06 -1.08 2.41
N ASN A 26 5.47 -0.20 3.33
CA ASN A 26 6.25 0.98 2.97
C ASN A 26 7.74 0.64 2.90
N ALA A 27 8.40 1.08 1.84
CA ALA A 27 9.82 0.83 1.65
C ALA A 27 10.66 1.87 2.38
N ARG A 28 10.03 2.98 2.74
CA ARG A 28 10.73 4.06 3.44
C ARG A 28 10.70 3.83 4.96
N THR A 29 9.55 3.39 5.46
CA THR A 29 9.39 3.14 6.88
C THR A 29 9.57 1.65 7.20
N ARG A 30 9.37 0.81 6.18
CA ARG A 30 9.50 -0.63 6.35
C ARG A 30 8.45 -1.16 7.32
N GLU A 31 7.24 -0.62 7.23
CA GLU A 31 6.16 -1.05 8.11
C GLU A 31 5.04 -1.70 7.30
N SER A 32 4.06 -2.28 8.00
CA SER A 32 2.94 -2.94 7.35
C SER A 32 1.62 -2.27 7.74
N ALA A 33 0.90 -1.78 6.73
CA ALA A 33 -0.38 -1.12 6.96
C ALA A 33 -1.40 -1.53 5.91
N TRP A 34 -2.56 -1.99 6.37
CA TRP A 34 -3.62 -2.42 5.48
C TRP A 34 -3.79 -1.44 4.32
N THR A 35 -4.06 -0.18 4.65
CA THR A 35 -4.24 0.84 3.64
C THR A 35 -3.11 1.87 3.69
N LYS A 36 -2.94 2.61 2.60
CA LYS A 36 -1.90 3.63 2.52
C LYS A 36 -2.33 4.92 3.21
N PRO A 37 -1.36 5.62 3.79
CA PRO A 37 -1.61 6.89 4.49
C PRO A 37 -2.00 8.02 3.54
N ASP A 38 -2.25 9.19 4.10
CA ASP A 38 -2.63 10.36 3.30
C ASP A 38 -1.75 11.55 3.63
N GLY A 39 -0.97 12.00 2.66
CA GLY A 39 -0.09 13.14 2.87
C GLY A 39 1.32 12.72 3.28
N VAL A 40 1.89 11.78 2.55
CA VAL A 40 3.23 11.30 2.84
C VAL A 40 4.30 12.28 2.33
N GLY A 1 -7.52 4.11 -21.43
CA GLY A 1 -8.84 3.81 -20.91
C GLY A 1 -8.85 2.56 -20.05
N SER A 2 -7.85 2.44 -19.17
CA SER A 2 -7.74 1.28 -18.29
C SER A 2 -8.88 1.27 -17.27
N SER A 3 -9.40 0.08 -17.01
CA SER A 3 -10.49 -0.08 -16.06
C SER A 3 -9.97 -0.51 -14.69
N GLY A 4 -10.42 0.18 -13.64
CA GLY A 4 -9.99 -0.14 -12.30
C GLY A 4 -8.51 0.14 -12.09
N SER A 5 -8.10 1.37 -12.36
CA SER A 5 -6.70 1.75 -12.20
C SER A 5 -6.59 3.13 -11.55
N SER A 6 -5.89 3.19 -10.42
CA SER A 6 -5.72 4.44 -9.68
C SER A 6 -4.73 5.35 -10.41
N GLY A 7 -3.62 4.77 -10.86
CA GLY A 7 -2.61 5.55 -11.56
C GLY A 7 -1.34 5.69 -10.74
N THR A 8 -1.20 6.82 -10.05
CA THR A 8 -0.02 7.07 -9.24
C THR A 8 -0.15 6.46 -7.86
N GLU A 9 0.52 5.33 -7.64
CA GLU A 9 0.47 4.64 -6.36
C GLU A 9 1.59 5.14 -5.44
N GLU A 10 1.33 5.11 -4.14
CA GLU A 10 2.30 5.55 -3.15
C GLU A 10 3.57 4.71 -3.22
N ILE A 11 4.56 5.05 -2.39
CA ILE A 11 5.82 4.32 -2.37
C ILE A 11 5.66 2.99 -1.64
N TRP A 12 4.43 2.65 -1.28
CA TRP A 12 4.15 1.41 -0.58
C TRP A 12 4.09 0.24 -1.56
N VAL A 13 4.19 -0.98 -1.03
CA VAL A 13 4.15 -2.18 -1.85
C VAL A 13 2.86 -2.97 -1.60
N GLU A 14 2.33 -3.56 -2.67
CA GLU A 14 1.09 -4.34 -2.57
C GLU A 14 1.40 -5.80 -2.20
N ASN A 15 0.87 -6.25 -1.07
CA ASN A 15 1.09 -7.62 -0.62
C ASN A 15 -0.19 -8.21 -0.03
N LYS A 16 -0.13 -9.47 0.36
CA LYS A 16 -1.28 -10.15 0.94
C LYS A 16 -0.86 -11.07 2.08
N THR A 17 -1.40 -10.83 3.26
CA THR A 17 -1.08 -11.65 4.43
C THR A 17 -1.26 -13.13 4.14
N PRO A 18 -0.55 -13.97 4.90
CA PRO A 18 -0.61 -15.43 4.73
C PRO A 18 -1.96 -16.00 5.19
N ASP A 19 -2.92 -15.12 5.44
CA ASP A 19 -4.24 -15.53 5.88
C ASP A 19 -5.29 -15.19 4.82
N GLY A 20 -5.03 -14.14 4.05
CA GLY A 20 -5.97 -13.73 3.02
C GLY A 20 -6.41 -12.29 3.17
N LYS A 21 -5.45 -11.40 3.45
CA LYS A 21 -5.75 -9.98 3.63
C LYS A 21 -4.70 -9.12 2.93
N VAL A 22 -5.13 -8.35 1.94
CA VAL A 22 -4.23 -7.47 1.21
C VAL A 22 -3.81 -6.27 2.05
N TYR A 23 -2.50 -6.05 2.14
CA TYR A 23 -1.98 -4.94 2.92
C TYR A 23 -0.91 -4.18 2.13
N TYR A 24 -0.38 -3.12 2.73
CA TYR A 24 0.64 -2.30 2.09
C TYR A 24 1.88 -2.20 2.96
N TYR A 25 3.05 -2.30 2.34
CA TYR A 25 4.31 -2.22 3.06
C TYR A 25 5.16 -1.06 2.54
N ASN A 26 5.59 -0.21 3.47
CA ASN A 26 6.42 0.95 3.11
C ASN A 26 7.89 0.57 3.03
N ALA A 27 8.54 0.95 1.95
CA ALA A 27 9.95 0.66 1.75
C ALA A 27 10.83 1.68 2.48
N ARG A 28 10.23 2.78 2.89
CA ARG A 28 10.96 3.83 3.60
C ARG A 28 10.89 3.63 5.11
N THR A 29 9.70 3.29 5.60
CA THR A 29 9.49 3.06 7.02
C THR A 29 9.59 1.58 7.36
N ARG A 30 9.42 0.74 6.36
CA ARG A 30 9.49 -0.71 6.55
C ARG A 30 8.38 -1.19 7.48
N GLU A 31 7.21 -0.57 7.37
CA GLU A 31 6.07 -0.93 8.19
C GLU A 31 5.01 -1.67 7.38
N SER A 32 4.00 -2.18 8.07
CA SER A 32 2.92 -2.92 7.41
C SER A 32 1.55 -2.39 7.86
N ALA A 33 0.80 -1.85 6.91
CA ALA A 33 -0.53 -1.32 7.20
C ALA A 33 -1.50 -1.63 6.07
N TRP A 34 -2.70 -2.07 6.43
CA TRP A 34 -3.72 -2.41 5.45
C TRP A 34 -3.81 -1.33 4.37
N THR A 35 -4.06 -0.10 4.79
CA THR A 35 -4.17 1.01 3.86
C THR A 35 -2.97 1.95 3.98
N LYS A 36 -2.79 2.81 2.98
CA LYS A 36 -1.69 3.76 2.97
C LYS A 36 -2.08 5.06 3.67
N PRO A 37 -1.11 5.64 4.41
CA PRO A 37 -1.33 6.90 5.14
C PRO A 37 -1.49 8.09 4.21
N ASP A 38 -2.14 9.13 4.70
CA ASP A 38 -2.36 10.34 3.92
C ASP A 38 -1.13 11.23 3.93
N GLY A 39 -1.07 12.17 2.99
CA GLY A 39 0.06 13.07 2.91
C GLY A 39 1.00 12.74 1.77
N VAL A 40 1.44 11.49 1.73
CA VAL A 40 2.35 11.02 0.69
C VAL A 40 1.78 11.31 -0.70
N GLY A 1 -21.14 1.62 0.00
CA GLY A 1 -19.74 1.97 0.20
C GLY A 1 -19.20 2.81 -0.95
N SER A 2 -18.42 3.84 -0.62
CA SER A 2 -17.84 4.71 -1.62
C SER A 2 -16.38 5.03 -1.30
N SER A 3 -15.47 4.38 -2.01
CA SER A 3 -14.03 4.59 -1.79
C SER A 3 -13.58 5.91 -2.41
N GLY A 4 -13.90 6.10 -3.69
CA GLY A 4 -13.51 7.32 -4.37
C GLY A 4 -12.68 7.05 -5.61
N SER A 5 -12.61 8.03 -6.50
CA SER A 5 -11.84 7.89 -7.74
C SER A 5 -10.60 8.77 -7.70
N SER A 6 -9.43 8.14 -7.75
CA SER A 6 -8.16 8.86 -7.72
C SER A 6 -7.18 8.26 -8.72
N GLY A 7 -6.03 8.93 -8.88
CA GLY A 7 -5.02 8.45 -9.80
C GLY A 7 -3.62 8.65 -9.27
N THR A 8 -3.43 8.42 -7.96
CA THR A 8 -2.14 8.58 -7.34
C THR A 8 -1.81 7.40 -6.43
N GLU A 9 -0.54 7.01 -6.40
CA GLU A 9 -0.11 5.88 -5.57
C GLU A 9 1.03 6.31 -4.65
N GLU A 10 1.00 5.80 -3.42
CA GLU A 10 2.03 6.13 -2.43
C GLU A 10 3.26 5.26 -2.63
N ILE A 11 4.28 5.51 -1.82
CA ILE A 11 5.53 4.74 -1.91
C ILE A 11 5.37 3.37 -1.27
N TRP A 12 4.15 3.05 -0.86
CA TRP A 12 3.87 1.76 -0.24
C TRP A 12 3.76 0.66 -1.29
N VAL A 13 3.87 -0.59 -0.84
CA VAL A 13 3.79 -1.73 -1.75
C VAL A 13 2.52 -2.55 -1.47
N GLU A 14 1.90 -3.04 -2.54
CA GLU A 14 0.69 -3.84 -2.42
C GLU A 14 1.03 -5.31 -2.18
N ASN A 15 0.54 -5.85 -1.07
CA ASN A 15 0.79 -7.25 -0.72
C ASN A 15 -0.45 -7.87 -0.08
N LYS A 16 -0.36 -9.17 0.19
CA LYS A 16 -1.47 -9.90 0.80
C LYS A 16 -0.95 -10.91 1.82
N THR A 17 -1.37 -10.75 3.07
CA THR A 17 -0.95 -11.64 4.15
C THR A 17 -1.21 -13.10 3.77
N PRO A 18 -0.47 -14.02 4.41
CA PRO A 18 -0.60 -15.46 4.16
C PRO A 18 -1.93 -16.01 4.67
N ASP A 19 -2.80 -15.12 5.14
CA ASP A 19 -4.10 -15.53 5.66
C ASP A 19 -5.21 -15.15 4.70
N GLY A 20 -4.94 -14.17 3.84
CA GLY A 20 -5.93 -13.73 2.88
C GLY A 20 -6.41 -12.32 3.12
N LYS A 21 -5.45 -11.39 3.29
CA LYS A 21 -5.78 -10.00 3.53
C LYS A 21 -4.76 -9.08 2.88
N VAL A 22 -5.23 -8.19 2.01
CA VAL A 22 -4.36 -7.26 1.31
C VAL A 22 -3.90 -6.14 2.25
N TYR A 23 -2.60 -5.87 2.24
CA TYR A 23 -2.03 -4.83 3.09
C TYR A 23 -1.04 -3.98 2.31
N TYR A 24 -0.49 -2.97 2.97
CA TYR A 24 0.47 -2.08 2.34
C TYR A 24 1.76 -1.99 3.16
N TYR A 25 2.90 -2.14 2.49
CA TYR A 25 4.19 -2.08 3.15
C TYR A 25 4.99 -0.86 2.70
N ASN A 26 5.45 -0.07 3.65
CA ASN A 26 6.23 1.13 3.34
C ASN A 26 7.71 0.78 3.15
N ALA A 27 8.31 1.36 2.12
CA ALA A 27 9.72 1.12 1.83
C ALA A 27 10.62 2.07 2.62
N ARG A 28 10.02 3.13 3.17
CA ARG A 28 10.77 4.11 3.94
C ARG A 28 10.92 3.66 5.39
N THR A 29 9.80 3.37 6.03
CA THR A 29 9.80 2.93 7.43
C THR A 29 9.96 1.41 7.52
N ARG A 30 9.64 0.72 6.43
CA ARG A 30 9.73 -0.73 6.39
C ARG A 30 8.72 -1.37 7.34
N GLU A 31 7.53 -0.79 7.40
CA GLU A 31 6.48 -1.30 8.27
C GLU A 31 5.32 -1.88 7.44
N SER A 32 4.39 -2.53 8.11
CA SER A 32 3.24 -3.13 7.45
C SER A 32 1.94 -2.61 8.05
N ALA A 33 1.07 -2.07 7.19
CA ALA A 33 -0.21 -1.54 7.63
C ALA A 33 -1.29 -1.80 6.58
N TRP A 34 -2.40 -2.40 7.01
CA TRP A 34 -3.50 -2.69 6.11
C TRP A 34 -3.69 -1.58 5.09
N THR A 35 -3.99 -0.38 5.57
CA THR A 35 -4.20 0.77 4.70
C THR A 35 -3.02 1.73 4.78
N LYS A 36 -2.75 2.43 3.68
CA LYS A 36 -1.65 3.39 3.62
C LYS A 36 -2.16 4.81 3.77
N PRO A 37 -1.39 5.64 4.49
CA PRO A 37 -1.75 7.05 4.73
C PRO A 37 -1.65 7.89 3.46
N ASP A 38 -2.44 8.97 3.41
CA ASP A 38 -2.44 9.86 2.26
C ASP A 38 -1.38 10.95 2.42
N GLY A 39 -1.14 11.70 1.35
CA GLY A 39 -0.16 12.76 1.38
C GLY A 39 1.23 12.29 0.98
N VAL A 40 1.71 11.26 1.67
CA VAL A 40 3.03 10.71 1.38
C VAL A 40 3.12 10.21 -0.06
N GLY A 1 -14.06 6.39 -17.68
CA GLY A 1 -13.20 5.39 -17.08
C GLY A 1 -13.55 5.09 -15.64
N SER A 2 -12.55 4.71 -14.86
CA SER A 2 -12.77 4.39 -13.45
C SER A 2 -11.63 4.95 -12.59
N SER A 3 -11.98 5.91 -11.73
CA SER A 3 -11.00 6.54 -10.86
C SER A 3 -11.24 6.14 -9.40
N GLY A 4 -10.33 6.56 -8.52
CA GLY A 4 -10.46 6.23 -7.11
C GLY A 4 -9.96 7.34 -6.21
N SER A 5 -9.12 6.99 -5.25
CA SER A 5 -8.57 7.96 -4.31
C SER A 5 -7.56 8.88 -5.01
N SER A 6 -6.52 8.27 -5.57
CA SER A 6 -5.48 9.03 -6.27
C SER A 6 -5.12 8.37 -7.60
N GLY A 7 -4.41 9.11 -8.44
CA GLY A 7 -4.01 8.57 -9.73
C GLY A 7 -2.87 7.59 -9.62
N THR A 8 -1.69 8.10 -9.28
CA THR A 8 -0.51 7.25 -9.14
C THR A 8 -0.54 6.46 -7.84
N GLU A 9 0.43 5.58 -7.65
CA GLU A 9 0.51 4.76 -6.45
C GLU A 9 1.67 5.21 -5.56
N GLU A 10 1.42 5.24 -4.25
CA GLU A 10 2.44 5.65 -3.30
C GLU A 10 3.66 4.75 -3.37
N ILE A 11 4.67 5.05 -2.57
CA ILE A 11 5.91 4.26 -2.55
C ILE A 11 5.69 2.93 -1.84
N TRP A 12 4.45 2.69 -1.42
CA TRP A 12 4.12 1.44 -0.73
C TRP A 12 4.01 0.28 -1.71
N VAL A 13 4.13 -0.94 -1.19
CA VAL A 13 4.04 -2.13 -2.02
C VAL A 13 2.78 -2.92 -1.73
N GLU A 14 2.21 -3.53 -2.76
CA GLU A 14 0.98 -4.31 -2.61
C GLU A 14 1.31 -5.76 -2.25
N ASN A 15 0.77 -6.23 -1.13
CA ASN A 15 0.99 -7.58 -0.68
C ASN A 15 -0.26 -8.16 -0.02
N LYS A 16 -0.18 -9.43 0.39
CA LYS A 16 -1.31 -10.10 1.04
C LYS A 16 -0.82 -10.97 2.19
N THR A 17 -1.31 -10.69 3.39
CA THR A 17 -0.93 -11.45 4.57
C THR A 17 -1.14 -12.94 4.34
N PRO A 18 -0.42 -13.77 5.13
CA PRO A 18 -0.50 -15.23 5.02
C PRO A 18 -1.84 -15.76 5.52
N ASP A 19 -2.76 -14.86 5.81
CA ASP A 19 -4.09 -15.23 6.30
C ASP A 19 -5.14 -15.03 5.22
N GLY A 20 -4.87 -14.09 4.31
CA GLY A 20 -5.81 -13.81 3.23
C GLY A 20 -6.32 -12.38 3.28
N LYS A 21 -5.41 -11.43 3.46
CA LYS A 21 -5.77 -10.02 3.52
C LYS A 21 -4.72 -9.16 2.82
N VAL A 22 -5.16 -8.34 1.87
CA VAL A 22 -4.27 -7.48 1.13
C VAL A 22 -3.84 -6.28 1.98
N TYR A 23 -2.54 -6.03 2.04
CA TYR A 23 -2.01 -4.91 2.81
C TYR A 23 -0.96 -4.15 2.02
N TYR A 24 -0.43 -3.08 2.62
CA TYR A 24 0.58 -2.27 1.97
C TYR A 24 1.82 -2.13 2.86
N TYR A 25 2.99 -2.27 2.25
CA TYR A 25 4.25 -2.16 2.98
C TYR A 25 5.09 -1.00 2.46
N ASN A 26 5.50 -0.12 3.37
CA ASN A 26 6.32 1.03 3.00
C ASN A 26 7.79 0.65 2.91
N ALA A 27 8.44 1.09 1.83
CA ALA A 27 9.85 0.81 1.63
C ALA A 27 10.73 1.83 2.34
N ARG A 28 10.13 2.93 2.77
CA ARG A 28 10.85 3.99 3.46
C ARG A 28 10.78 3.80 4.97
N THR A 29 9.61 3.41 5.47
CA THR A 29 9.42 3.19 6.89
C THR A 29 9.53 1.71 7.24
N ARG A 30 9.31 0.85 6.25
CA ARG A 30 9.39 -0.59 6.44
C ARG A 30 8.29 -1.06 7.39
N GLU A 31 7.11 -0.45 7.28
CA GLU A 31 5.99 -0.81 8.12
C GLU A 31 4.92 -1.57 7.33
N SER A 32 3.92 -2.07 8.04
CA SER A 32 2.85 -2.83 7.39
C SER A 32 1.48 -2.29 7.80
N ALA A 33 0.73 -1.80 6.83
CA ALA A 33 -0.60 -1.25 7.08
C ALA A 33 -1.56 -1.60 5.95
N TRP A 34 -2.77 -2.03 6.33
CA TRP A 34 -3.78 -2.40 5.35
C TRP A 34 -3.87 -1.35 4.23
N THR A 35 -4.14 -0.11 4.62
CA THR A 35 -4.25 0.98 3.65
C THR A 35 -3.04 1.88 3.70
N LYS A 36 -2.86 2.71 2.66
CA LYS A 36 -1.74 3.63 2.59
C LYS A 36 -2.10 4.97 3.21
N PRO A 37 -1.12 5.61 3.86
CA PRO A 37 -1.31 6.91 4.51
C PRO A 37 -1.49 8.04 3.49
N ASP A 38 -2.36 8.98 3.81
CA ASP A 38 -2.62 10.12 2.93
C ASP A 38 -1.67 11.28 3.25
N GLY A 39 -0.59 10.98 3.95
CA GLY A 39 0.38 12.00 4.31
C GLY A 39 1.56 12.04 3.36
N VAL A 40 2.00 10.87 2.93
CA VAL A 40 3.14 10.77 2.02
C VAL A 40 2.68 10.63 0.58
N GLY A 1 -13.98 3.12 -0.60
CA GLY A 1 -15.25 3.82 -0.75
C GLY A 1 -15.45 4.35 -2.16
N SER A 2 -16.65 4.84 -2.45
CA SER A 2 -16.96 5.39 -3.76
C SER A 2 -16.27 6.72 -3.99
N SER A 3 -16.30 7.58 -2.96
CA SER A 3 -15.67 8.89 -3.05
C SER A 3 -14.20 8.81 -2.68
N GLY A 4 -13.90 8.21 -1.53
CA GLY A 4 -12.53 8.08 -1.09
C GLY A 4 -11.64 7.41 -2.13
N SER A 5 -10.82 8.20 -2.80
CA SER A 5 -9.92 7.68 -3.82
C SER A 5 -8.68 8.56 -3.96
N SER A 6 -7.60 7.97 -4.47
CA SER A 6 -6.35 8.69 -4.65
C SER A 6 -5.86 8.57 -6.10
N GLY A 7 -5.21 9.62 -6.57
CA GLY A 7 -4.70 9.63 -7.93
C GLY A 7 -3.56 8.65 -8.13
N THR A 8 -2.35 9.06 -7.75
CA THR A 8 -1.17 8.22 -7.89
C THR A 8 -1.07 7.25 -6.72
N GLU A 9 -0.07 6.37 -6.78
CA GLU A 9 0.15 5.38 -5.73
C GLU A 9 1.31 5.78 -4.83
N GLU A 10 1.14 5.58 -3.54
CA GLU A 10 2.18 5.92 -2.56
C GLU A 10 3.41 5.05 -2.75
N ILE A 11 4.45 5.32 -1.98
CA ILE A 11 5.68 4.55 -2.05
C ILE A 11 5.52 3.19 -1.41
N TRP A 12 4.31 2.87 -0.97
CA TRP A 12 4.02 1.59 -0.35
C TRP A 12 3.89 0.49 -1.39
N VAL A 13 3.99 -0.76 -0.93
CA VAL A 13 3.88 -1.91 -1.83
C VAL A 13 2.62 -2.70 -1.55
N GLU A 14 2.01 -3.23 -2.61
CA GLU A 14 0.79 -4.02 -2.49
C GLU A 14 1.11 -5.48 -2.21
N ASN A 15 0.60 -6.00 -1.11
CA ASN A 15 0.82 -7.39 -0.73
C ASN A 15 -0.42 -7.99 -0.09
N LYS A 16 -0.36 -9.29 0.19
CA LYS A 16 -1.48 -9.98 0.81
C LYS A 16 -0.99 -10.98 1.86
N THR A 17 -1.44 -10.78 3.10
CA THR A 17 -1.03 -11.66 4.20
C THR A 17 -1.28 -13.12 3.86
N PRO A 18 -0.53 -14.02 4.52
CA PRO A 18 -0.65 -15.47 4.29
C PRO A 18 -1.96 -16.03 4.81
N ASP A 19 -2.87 -15.14 5.22
CA ASP A 19 -4.16 -15.54 5.75
C ASP A 19 -5.28 -15.16 4.79
N GLY A 20 -5.01 -14.17 3.94
CA GLY A 20 -6.01 -13.73 2.98
C GLY A 20 -6.46 -12.30 3.22
N LYS A 21 -5.50 -11.40 3.38
CA LYS A 21 -5.79 -9.99 3.63
C LYS A 21 -4.78 -9.10 2.94
N VAL A 22 -5.25 -8.24 2.04
CA VAL A 22 -4.38 -7.33 1.31
C VAL A 22 -3.90 -6.20 2.22
N TYR A 23 -2.59 -5.98 2.24
CA TYR A 23 -2.00 -4.93 3.07
C TYR A 23 -0.98 -4.12 2.27
N TYR A 24 -0.42 -3.11 2.92
CA TYR A 24 0.58 -2.25 2.27
C TYR A 24 1.86 -2.19 3.09
N TYR A 25 2.99 -2.30 2.41
CA TYR A 25 4.29 -2.26 3.08
C TYR A 25 5.10 -1.05 2.64
N ASN A 26 5.55 -0.27 3.60
CA ASN A 26 6.34 0.93 3.32
C ASN A 26 7.81 0.59 3.14
N ALA A 27 8.41 1.12 2.08
CA ALA A 27 9.82 0.87 1.80
C ALA A 27 10.71 1.87 2.53
N ARG A 28 10.10 2.89 3.11
CA ARG A 28 10.84 3.92 3.84
C ARG A 28 11.01 3.53 5.30
N THR A 29 9.93 3.09 5.94
CA THR A 29 9.96 2.68 7.33
C THR A 29 10.06 1.17 7.47
N ARG A 30 9.73 0.46 6.39
CA ARG A 30 9.77 -1.00 6.38
C ARG A 30 8.75 -1.57 7.34
N GLU A 31 7.59 -0.91 7.43
CA GLU A 31 6.52 -1.37 8.33
C GLU A 31 5.38 -1.99 7.53
N SER A 32 4.41 -2.56 8.24
CA SER A 32 3.26 -3.19 7.60
C SER A 32 1.96 -2.61 8.13
N ALA A 33 1.16 -2.05 7.22
CA ALA A 33 -0.11 -1.46 7.60
C ALA A 33 -1.18 -1.77 6.56
N TRP A 34 -2.34 -2.24 7.03
CA TRP A 34 -3.44 -2.58 6.13
C TRP A 34 -3.63 -1.50 5.07
N THR A 35 -3.95 -0.29 5.51
CA THR A 35 -4.16 0.83 4.60
C THR A 35 -2.98 1.79 4.63
N LYS A 36 -2.74 2.46 3.50
CA LYS A 36 -1.65 3.42 3.40
C LYS A 36 -2.15 4.84 3.56
N PRO A 37 -1.34 5.69 4.23
CA PRO A 37 -1.68 7.09 4.46
C PRO A 37 -1.66 7.92 3.18
N ASP A 38 -2.48 8.97 3.15
CA ASP A 38 -2.56 9.84 1.99
C ASP A 38 -1.78 11.13 2.22
N GLY A 39 -1.62 11.92 1.16
CA GLY A 39 -0.89 13.17 1.27
C GLY A 39 0.46 13.00 1.96
N VAL A 40 1.31 12.16 1.38
CA VAL A 40 2.63 11.91 1.94
C VAL A 40 3.69 12.75 1.25
N GLY A 1 -17.56 -4.95 -10.22
CA GLY A 1 -16.18 -4.53 -10.07
C GLY A 1 -16.03 -3.02 -10.07
N SER A 2 -14.80 -2.55 -10.00
CA SER A 2 -14.52 -1.13 -9.99
C SER A 2 -13.69 -0.71 -11.20
N SER A 3 -13.67 0.58 -11.50
CA SER A 3 -12.91 1.10 -12.63
C SER A 3 -11.51 1.52 -12.20
N GLY A 4 -11.44 2.31 -11.13
CA GLY A 4 -10.16 2.77 -10.63
C GLY A 4 -9.97 4.27 -10.81
N SER A 5 -10.86 5.05 -10.22
CA SER A 5 -10.79 6.50 -10.32
C SER A 5 -9.36 6.99 -10.14
N SER A 6 -8.74 6.59 -9.04
CA SER A 6 -7.37 7.00 -8.73
C SER A 6 -6.41 6.50 -9.82
N GLY A 7 -5.17 6.98 -9.77
CA GLY A 7 -4.18 6.58 -10.75
C GLY A 7 -2.80 6.43 -10.15
N THR A 8 -2.26 7.52 -9.62
CA THR A 8 -0.95 7.51 -9.01
C THR A 8 -0.90 6.61 -7.78
N GLU A 9 0.22 5.92 -7.57
CA GLU A 9 0.36 5.03 -6.44
C GLU A 9 1.45 5.54 -5.49
N GLU A 10 1.39 5.08 -4.24
CA GLU A 10 2.37 5.49 -3.23
C GLU A 10 3.61 4.62 -3.30
N ILE A 11 4.59 4.95 -2.46
CA ILE A 11 5.84 4.20 -2.43
C ILE A 11 5.66 2.87 -1.70
N TRP A 12 4.42 2.57 -1.33
CA TRP A 12 4.11 1.33 -0.62
C TRP A 12 4.06 0.15 -1.60
N VAL A 13 4.14 -1.06 -1.06
CA VAL A 13 4.09 -2.26 -1.88
C VAL A 13 2.82 -3.07 -1.63
N GLU A 14 2.28 -3.67 -2.68
CA GLU A 14 1.07 -4.47 -2.56
C GLU A 14 1.40 -5.90 -2.16
N ASN A 15 0.82 -6.33 -1.04
CA ASN A 15 1.05 -7.69 -0.54
C ASN A 15 -0.23 -8.27 0.06
N LYS A 16 -0.16 -9.53 0.48
CA LYS A 16 -1.30 -10.20 1.08
C LYS A 16 -0.86 -11.17 2.17
N THR A 17 -1.31 -10.92 3.40
CA THR A 17 -0.96 -11.78 4.53
C THR A 17 -1.25 -13.24 4.22
N PRO A 18 -0.60 -14.14 4.97
CA PRO A 18 -0.77 -15.59 4.79
C PRO A 18 -2.15 -16.07 5.23
N ASP A 19 -3.01 -15.12 5.60
CA ASP A 19 -4.36 -15.44 6.05
C ASP A 19 -5.37 -15.19 4.93
N GLY A 20 -5.13 -14.15 4.14
CA GLY A 20 -6.03 -13.82 3.05
C GLY A 20 -6.48 -12.38 3.08
N LYS A 21 -5.58 -11.49 3.49
CA LYS A 21 -5.88 -10.07 3.56
C LYS A 21 -4.79 -9.24 2.90
N VAL A 22 -5.19 -8.42 1.93
CA VAL A 22 -4.24 -7.57 1.21
C VAL A 22 -3.82 -6.37 2.05
N TYR A 23 -2.52 -6.11 2.11
CA TYR A 23 -1.99 -5.00 2.88
C TYR A 23 -0.95 -4.23 2.08
N TYR A 24 -0.44 -3.16 2.67
CA TYR A 24 0.58 -2.34 2.01
C TYR A 24 1.82 -2.19 2.89
N TYR A 25 2.99 -2.38 2.29
CA TYR A 25 4.25 -2.27 3.02
C TYR A 25 5.06 -1.07 2.53
N ASN A 26 5.46 -0.22 3.46
CA ASN A 26 6.25 0.96 3.13
C ASN A 26 7.73 0.62 3.03
N ALA A 27 8.38 1.10 1.97
CA ALA A 27 9.80 0.85 1.76
C ALA A 27 10.66 1.90 2.45
N ARG A 28 10.02 2.99 2.86
CA ARG A 28 10.72 4.08 3.54
C ARG A 28 10.85 3.79 5.03
N THR A 29 9.75 3.38 5.65
CA THR A 29 9.73 3.08 7.07
C THR A 29 9.87 1.58 7.32
N ARG A 30 9.60 0.80 6.29
CA ARG A 30 9.69 -0.66 6.39
C ARG A 30 8.62 -1.21 7.32
N GLU A 31 7.44 -0.62 7.27
CA GLU A 31 6.33 -1.06 8.12
C GLU A 31 5.22 -1.68 7.27
N SER A 32 4.22 -2.25 7.95
CA SER A 32 3.11 -2.88 7.27
C SER A 32 1.77 -2.30 7.74
N ALA A 33 0.98 -1.82 6.80
CA ALA A 33 -0.32 -1.23 7.11
C ALA A 33 -1.36 -1.58 6.04
N TRP A 34 -2.49 -2.10 6.48
CA TRP A 34 -3.56 -2.48 5.57
C TRP A 34 -3.71 -1.46 4.44
N THR A 35 -4.05 -0.22 4.80
CA THR A 35 -4.21 0.84 3.83
C THR A 35 -3.07 1.85 3.91
N LYS A 36 -2.87 2.59 2.82
CA LYS A 36 -1.81 3.59 2.77
C LYS A 36 -2.27 4.91 3.37
N PRO A 37 -1.34 5.62 4.02
CA PRO A 37 -1.62 6.92 4.65
C PRO A 37 -1.91 8.02 3.62
N ASP A 38 -2.23 9.21 4.12
CA ASP A 38 -2.53 10.34 3.24
C ASP A 38 -1.62 11.53 3.58
N GLY A 39 -1.15 12.22 2.54
CA GLY A 39 -0.29 13.37 2.76
C GLY A 39 1.12 13.13 2.24
N VAL A 40 1.75 12.05 2.71
CA VAL A 40 3.10 11.72 2.30
C VAL A 40 3.17 11.44 0.80
N GLY A 1 -16.01 9.27 -7.52
CA GLY A 1 -16.11 8.17 -8.46
C GLY A 1 -15.51 6.89 -7.92
N SER A 2 -14.41 6.45 -8.51
CA SER A 2 -13.73 5.22 -8.08
C SER A 2 -12.26 5.25 -8.46
N SER A 3 -11.40 4.90 -7.51
CA SER A 3 -9.96 4.89 -7.74
C SER A 3 -9.60 3.84 -8.79
N GLY A 4 -8.31 3.79 -9.13
CA GLY A 4 -7.85 2.83 -10.13
C GLY A 4 -6.85 3.44 -11.09
N SER A 5 -7.20 3.46 -12.37
CA SER A 5 -6.32 4.00 -13.40
C SER A 5 -5.88 5.42 -13.04
N SER A 6 -6.85 6.27 -12.73
CA SER A 6 -6.57 7.66 -12.38
C SER A 6 -6.20 7.77 -10.90
N GLY A 7 -4.95 8.10 -10.62
CA GLY A 7 -4.49 8.24 -9.25
C GLY A 7 -3.11 7.68 -9.04
N THR A 8 -2.24 8.45 -8.41
CA THR A 8 -0.87 8.03 -8.15
C THR A 8 -0.80 7.11 -6.93
N GLU A 9 0.07 6.11 -6.99
CA GLU A 9 0.23 5.17 -5.89
C GLU A 9 1.38 5.58 -4.98
N GLU A 10 1.17 5.45 -3.67
CA GLU A 10 2.19 5.81 -2.69
C GLU A 10 3.43 4.94 -2.86
N ILE A 11 4.45 5.22 -2.06
CA ILE A 11 5.70 4.47 -2.12
C ILE A 11 5.55 3.10 -1.45
N TRP A 12 4.32 2.79 -1.04
CA TRP A 12 4.05 1.51 -0.39
C TRP A 12 3.92 0.39 -1.42
N VAL A 13 4.02 -0.85 -0.95
CA VAL A 13 3.91 -2.01 -1.83
C VAL A 13 2.63 -2.80 -1.55
N GLU A 14 2.04 -3.35 -2.60
CA GLU A 14 0.81 -4.13 -2.46
C GLU A 14 1.12 -5.59 -2.16
N ASN A 15 0.67 -6.06 -1.01
CA ASN A 15 0.90 -7.45 -0.60
C ASN A 15 -0.35 -8.04 0.04
N LYS A 16 -0.28 -9.32 0.39
CA LYS A 16 -1.40 -10.00 1.00
C LYS A 16 -0.92 -10.99 2.07
N THR A 17 -1.35 -10.78 3.31
CA THR A 17 -0.97 -11.63 4.41
C THR A 17 -1.23 -13.11 4.08
N PRO A 18 -0.51 -14.00 4.77
CA PRO A 18 -0.65 -15.45 4.58
C PRO A 18 -1.99 -15.98 5.08
N ASP A 19 -2.88 -15.06 5.43
CA ASP A 19 -4.20 -15.45 5.92
C ASP A 19 -5.28 -15.12 4.89
N GLY A 20 -5.00 -14.17 4.02
CA GLY A 20 -5.95 -13.78 3.00
C GLY A 20 -6.42 -12.35 3.15
N LYS A 21 -5.47 -11.46 3.45
CA LYS A 21 -5.79 -10.04 3.63
C LYS A 21 -4.75 -9.16 2.93
N VAL A 22 -5.22 -8.28 2.05
CA VAL A 22 -4.32 -7.38 1.34
C VAL A 22 -3.88 -6.23 2.22
N TYR A 23 -2.57 -5.98 2.24
CA TYR A 23 -2.01 -4.90 3.05
C TYR A 23 -0.98 -4.10 2.26
N TYR A 24 -0.44 -3.06 2.89
CA TYR A 24 0.57 -2.23 2.25
C TYR A 24 1.84 -2.17 3.08
N TYR A 25 2.98 -2.21 2.40
CA TYR A 25 4.28 -2.16 3.08
C TYR A 25 5.11 -0.99 2.59
N ASN A 26 5.58 -0.17 3.53
CA ASN A 26 6.39 1.00 3.18
C ASN A 26 7.85 0.61 3.04
N ALA A 27 8.46 1.04 1.93
CA ALA A 27 9.86 0.74 1.67
C ALA A 27 10.78 1.74 2.37
N ARG A 28 10.19 2.85 2.83
CA ARG A 28 10.95 3.88 3.52
C ARG A 28 10.98 3.63 5.02
N THR A 29 9.85 3.22 5.57
CA THR A 29 9.75 2.93 7.00
C THR A 29 9.87 1.44 7.27
N ARG A 30 9.59 0.63 6.25
CA ARG A 30 9.68 -0.83 6.39
C ARG A 30 8.61 -1.35 7.34
N GLU A 31 7.42 -0.73 7.29
CA GLU A 31 6.32 -1.13 8.15
C GLU A 31 5.24 -1.85 7.34
N SER A 32 4.24 -2.37 8.04
CA SER A 32 3.14 -3.09 7.38
C SER A 32 1.80 -2.63 7.92
N ALA A 33 0.99 -2.05 7.05
CA ALA A 33 -0.34 -1.56 7.43
C ALA A 33 -1.36 -1.85 6.34
N TRP A 34 -2.55 -2.28 6.75
CA TRP A 34 -3.62 -2.59 5.80
C TRP A 34 -3.74 -1.49 4.74
N THR A 35 -4.14 -0.31 5.17
CA THR A 35 -4.31 0.82 4.27
C THR A 35 -3.06 1.71 4.28
N LYS A 36 -2.85 2.43 3.17
CA LYS A 36 -1.70 3.31 3.05
C LYS A 36 -2.11 4.76 3.28
N PRO A 37 -1.24 5.52 3.97
CA PRO A 37 -1.49 6.93 4.27
C PRO A 37 -1.43 7.80 3.02
N ASP A 38 -2.20 8.89 3.03
CA ASP A 38 -2.23 9.81 1.90
C ASP A 38 -1.64 11.16 2.29
N GLY A 39 -1.13 11.89 1.30
CA GLY A 39 -0.54 13.20 1.56
C GLY A 39 0.88 13.11 2.07
N VAL A 40 1.11 12.19 3.01
CA VAL A 40 2.44 12.00 3.59
C VAL A 40 3.53 12.23 2.54
N GLY A 1 -4.96 3.22 -16.16
CA GLY A 1 -3.94 2.43 -16.83
C GLY A 1 -2.71 3.24 -17.17
N SER A 2 -1.57 2.83 -16.64
CA SER A 2 -0.31 3.53 -16.88
C SER A 2 -0.41 5.00 -16.46
N SER A 3 -1.05 5.25 -15.32
CA SER A 3 -1.21 6.60 -14.82
C SER A 3 0.13 7.21 -14.45
N GLY A 4 0.13 8.52 -14.21
CA GLY A 4 1.35 9.22 -13.85
C GLY A 4 1.09 10.44 -12.99
N SER A 5 0.62 11.51 -13.62
CA SER A 5 0.35 12.75 -12.90
C SER A 5 -0.99 12.67 -12.17
N SER A 6 -2.04 12.30 -12.91
CA SER A 6 -3.37 12.18 -12.33
C SER A 6 -3.30 11.66 -10.90
N GLY A 7 -2.76 10.46 -10.73
CA GLY A 7 -2.64 9.88 -9.40
C GLY A 7 -1.99 8.50 -9.44
N THR A 8 -0.74 8.42 -9.00
CA THR A 8 -0.01 7.16 -8.99
C THR A 8 0.04 6.58 -7.58
N GLU A 9 0.29 5.27 -7.49
CA GLU A 9 0.35 4.60 -6.20
C GLU A 9 1.60 5.04 -5.42
N GLU A 10 1.45 5.18 -4.10
CA GLU A 10 2.55 5.59 -3.25
C GLU A 10 3.73 4.63 -3.39
N ILE A 11 4.79 4.91 -2.63
CA ILE A 11 5.99 4.08 -2.66
C ILE A 11 5.74 2.76 -1.92
N TRP A 12 4.51 2.54 -1.49
CA TRP A 12 4.16 1.33 -0.77
C TRP A 12 4.07 0.14 -1.72
N VAL A 13 4.18 -1.06 -1.17
CA VAL A 13 4.10 -2.28 -1.97
C VAL A 13 2.81 -3.05 -1.69
N GLU A 14 2.24 -3.65 -2.73
CA GLU A 14 1.02 -4.42 -2.59
C GLU A 14 1.32 -5.87 -2.23
N ASN A 15 0.85 -6.30 -1.07
CA ASN A 15 1.08 -7.66 -0.60
C ASN A 15 -0.19 -8.23 0.03
N LYS A 16 -0.12 -9.49 0.45
CA LYS A 16 -1.25 -10.15 1.09
C LYS A 16 -0.79 -11.03 2.24
N THR A 17 -1.30 -10.74 3.44
CA THR A 17 -0.93 -11.52 4.62
C THR A 17 -1.14 -13.01 4.38
N PRO A 18 -0.45 -13.84 5.18
CA PRO A 18 -0.53 -15.30 5.08
C PRO A 18 -1.89 -15.83 5.55
N ASP A 19 -2.80 -14.91 5.86
CA ASP A 19 -4.13 -15.28 6.32
C ASP A 19 -5.17 -15.06 5.23
N GLY A 20 -4.92 -14.09 4.36
CA GLY A 20 -5.85 -13.80 3.29
C GLY A 20 -6.34 -12.37 3.32
N LYS A 21 -5.41 -11.43 3.47
CA LYS A 21 -5.76 -10.02 3.53
C LYS A 21 -4.69 -9.16 2.85
N VAL A 22 -5.11 -8.40 1.84
CA VAL A 22 -4.18 -7.53 1.11
C VAL A 22 -3.79 -6.32 1.95
N TYR A 23 -2.49 -6.08 2.05
CA TYR A 23 -1.98 -4.95 2.81
C TYR A 23 -0.92 -4.18 2.02
N TYR A 24 -0.41 -3.11 2.62
CA TYR A 24 0.60 -2.28 1.96
C TYR A 24 1.82 -2.11 2.86
N TYR A 25 3.00 -2.29 2.28
CA TYR A 25 4.25 -2.17 3.01
C TYR A 25 5.11 -1.05 2.44
N ASN A 26 5.53 -0.14 3.32
CA ASN A 26 6.36 0.99 2.91
C ASN A 26 7.83 0.59 2.85
N ALA A 27 8.50 0.96 1.76
CA ALA A 27 9.91 0.65 1.58
C ALA A 27 10.80 1.69 2.26
N ARG A 28 10.21 2.81 2.64
CA ARG A 28 10.94 3.89 3.30
C ARG A 28 10.85 3.76 4.82
N THR A 29 9.66 3.43 5.31
CA THR A 29 9.44 3.27 6.74
C THR A 29 9.52 1.81 7.15
N ARG A 30 9.29 0.92 6.19
CA ARG A 30 9.34 -0.52 6.46
C ARG A 30 8.22 -0.93 7.41
N GLU A 31 7.05 -0.33 7.23
CA GLU A 31 5.89 -0.64 8.07
C GLU A 31 4.85 -1.45 7.30
N SER A 32 3.82 -1.90 8.00
CA SER A 32 2.76 -2.69 7.38
C SER A 32 1.39 -2.16 7.77
N ALA A 33 0.64 -1.71 6.77
CA ALA A 33 -0.70 -1.17 7.01
C ALA A 33 -1.64 -1.53 5.87
N TRP A 34 -2.83 -2.00 6.21
CA TRP A 34 -3.83 -2.38 5.21
C TRP A 34 -3.89 -1.35 4.10
N THR A 35 -4.24 -0.10 4.46
CA THR A 35 -4.35 0.97 3.49
C THR A 35 -3.18 1.93 3.61
N LYS A 36 -2.85 2.61 2.52
CA LYS A 36 -1.75 3.57 2.50
C LYS A 36 -2.18 4.90 3.10
N PRO A 37 -1.25 5.55 3.82
CA PRO A 37 -1.51 6.85 4.46
C PRO A 37 -1.65 7.97 3.45
N ASP A 38 -2.29 9.06 3.86
CA ASP A 38 -2.48 10.21 3.00
C ASP A 38 -1.58 11.37 3.40
N GLY A 39 -0.55 11.06 4.19
CA GLY A 39 0.37 12.09 4.64
C GLY A 39 1.55 12.25 3.71
N VAL A 40 2.07 11.14 3.19
CA VAL A 40 3.21 11.17 2.28
C VAL A 40 2.77 10.89 0.85
N GLY A 1 -9.41 -2.01 -12.79
CA GLY A 1 -8.41 -2.82 -12.12
C GLY A 1 -7.73 -2.08 -10.98
N SER A 2 -7.92 -2.58 -9.77
CA SER A 2 -7.34 -1.96 -8.58
C SER A 2 -7.83 -0.53 -8.42
N SER A 3 -9.12 -0.33 -8.64
CA SER A 3 -9.73 1.00 -8.53
C SER A 3 -10.26 1.23 -7.12
N GLY A 4 -9.64 2.17 -6.41
CA GLY A 4 -10.07 2.47 -5.05
C GLY A 4 -9.14 3.46 -4.37
N SER A 5 -8.70 4.47 -5.10
CA SER A 5 -7.79 5.47 -4.55
C SER A 5 -7.88 6.77 -5.35
N SER A 6 -7.45 7.86 -4.73
CA SER A 6 -7.47 9.17 -5.38
C SER A 6 -7.04 9.07 -6.84
N GLY A 7 -5.80 8.59 -7.04
CA GLY A 7 -5.28 8.44 -8.39
C GLY A 7 -4.03 7.59 -8.43
N THR A 8 -2.87 8.25 -8.36
CA THR A 8 -1.59 7.55 -8.40
C THR A 8 -1.44 6.61 -7.20
N GLU A 9 -0.37 5.84 -7.18
CA GLU A 9 -0.11 4.90 -6.09
C GLU A 9 1.04 5.40 -5.22
N GLU A 10 0.88 5.22 -3.90
CA GLU A 10 1.90 5.66 -2.95
C GLU A 10 3.17 4.83 -3.11
N ILE A 11 4.20 5.18 -2.33
CA ILE A 11 5.46 4.46 -2.39
C ILE A 11 5.38 3.13 -1.66
N TRP A 12 4.16 2.77 -1.24
CA TRP A 12 3.95 1.51 -0.54
C TRP A 12 3.85 0.34 -1.52
N VAL A 13 4.00 -0.88 -1.00
CA VAL A 13 3.93 -2.07 -1.83
C VAL A 13 2.67 -2.86 -1.55
N GLU A 14 2.05 -3.39 -2.61
CA GLU A 14 0.83 -4.17 -2.48
C GLU A 14 1.15 -5.64 -2.19
N ASN A 15 0.65 -6.13 -1.06
CA ASN A 15 0.87 -7.52 -0.68
C ASN A 15 -0.37 -8.13 -0.03
N LYS A 16 -0.30 -9.41 0.27
CA LYS A 16 -1.42 -10.11 0.89
C LYS A 16 -0.94 -11.12 1.92
N THR A 17 -1.35 -10.93 3.18
CA THR A 17 -0.94 -11.83 4.26
C THR A 17 -1.23 -13.28 3.90
N PRO A 18 -0.50 -14.21 4.53
CA PRO A 18 -0.65 -15.64 4.30
C PRO A 18 -1.98 -16.18 4.85
N ASP A 19 -2.83 -15.27 5.28
CA ASP A 19 -4.14 -15.66 5.82
C ASP A 19 -5.26 -15.25 4.88
N GLY A 20 -5.02 -14.21 4.08
CA GLY A 20 -6.02 -13.74 3.15
C GLY A 20 -6.43 -12.30 3.40
N LYS A 21 -5.43 -11.42 3.52
CA LYS A 21 -5.69 -10.01 3.75
C LYS A 21 -4.65 -9.14 3.05
N VAL A 22 -5.13 -8.27 2.16
CA VAL A 22 -4.24 -7.38 1.41
C VAL A 22 -3.77 -6.22 2.28
N TYR A 23 -2.46 -6.01 2.32
CA TYR A 23 -1.88 -4.93 3.12
C TYR A 23 -0.89 -4.12 2.29
N TYR A 24 -0.34 -3.08 2.91
CA TYR A 24 0.62 -2.22 2.23
C TYR A 24 1.90 -2.08 3.04
N TYR A 25 3.04 -2.27 2.39
CA TYR A 25 4.33 -2.18 3.05
C TYR A 25 5.13 -0.98 2.53
N ASN A 26 5.58 -0.13 3.44
CA ASN A 26 6.35 1.05 3.07
C ASN A 26 7.83 0.72 2.92
N ALA A 27 8.42 1.15 1.81
CA ALA A 27 9.83 0.89 1.55
C ALA A 27 10.71 1.93 2.24
N ARG A 28 10.09 2.97 2.78
CA ARG A 28 10.82 4.03 3.46
C ARG A 28 10.79 3.80 4.97
N THR A 29 9.63 3.43 5.49
CA THR A 29 9.48 3.18 6.92
C THR A 29 9.61 1.69 7.24
N ARG A 30 9.40 0.86 6.24
CA ARG A 30 9.48 -0.59 6.41
C ARG A 30 8.43 -1.08 7.39
N GLU A 31 7.26 -0.44 7.36
CA GLU A 31 6.17 -0.82 8.25
C GLU A 31 5.10 -1.60 7.49
N SER A 32 4.12 -2.11 8.23
CA SER A 32 3.03 -2.88 7.63
C SER A 32 1.67 -2.37 8.10
N ALA A 33 0.88 -1.86 7.15
CA ALA A 33 -0.44 -1.34 7.46
C ALA A 33 -1.45 -1.69 6.37
N TRP A 34 -2.59 -2.23 6.77
CA TRP A 34 -3.63 -2.61 5.82
C TRP A 34 -3.82 -1.53 4.75
N THR A 35 -4.12 -0.31 5.19
CA THR A 35 -4.32 0.80 4.29
C THR A 35 -3.13 1.74 4.30
N LYS A 36 -2.93 2.45 3.19
CA LYS A 36 -1.83 3.40 3.06
C LYS A 36 -2.29 4.83 3.32
N PRO A 37 -1.44 5.61 4.01
CA PRO A 37 -1.76 7.00 4.34
C PRO A 37 -1.75 7.90 3.11
N ASP A 38 -2.39 9.06 3.22
CA ASP A 38 -2.46 10.01 2.12
C ASP A 38 -1.82 11.34 2.51
N GLY A 39 -0.70 11.65 1.87
CA GLY A 39 0.00 12.90 2.16
C GLY A 39 1.50 12.72 2.24
N VAL A 40 1.93 11.66 2.94
CA VAL A 40 3.35 11.39 3.09
C VAL A 40 4.00 11.07 1.74
N GLY A 1 -1.98 15.77 -3.37
CA GLY A 1 -1.89 17.22 -3.41
C GLY A 1 -2.07 17.76 -4.82
N SER A 2 -1.95 19.08 -4.95
CA SER A 2 -2.10 19.72 -6.26
C SER A 2 -1.23 19.04 -7.31
N SER A 3 0.08 19.03 -7.07
CA SER A 3 1.02 18.42 -8.00
C SER A 3 0.89 16.90 -7.98
N GLY A 4 1.63 16.24 -8.87
CA GLY A 4 1.58 14.79 -8.93
C GLY A 4 1.03 14.29 -10.25
N SER A 5 1.93 13.95 -11.17
CA SER A 5 1.53 13.46 -12.49
C SER A 5 2.19 12.12 -12.80
N SER A 6 1.46 11.25 -13.49
CA SER A 6 1.98 9.94 -13.85
C SER A 6 2.49 9.20 -12.61
N GLY A 7 1.76 9.33 -11.51
CA GLY A 7 2.15 8.68 -10.28
C GLY A 7 1.03 8.65 -9.25
N THR A 8 -0.04 7.95 -9.57
CA THR A 8 -1.19 7.85 -8.68
C THR A 8 -0.98 6.77 -7.63
N GLU A 9 0.28 6.37 -7.45
CA GLU A 9 0.62 5.33 -6.48
C GLU A 9 1.60 5.87 -5.44
N GLU A 10 1.79 5.09 -4.36
CA GLU A 10 2.69 5.50 -3.29
C GLU A 10 3.93 4.61 -3.27
N ILE A 11 4.85 4.91 -2.36
CA ILE A 11 6.09 4.14 -2.23
C ILE A 11 5.84 2.82 -1.50
N TRP A 12 4.57 2.54 -1.23
CA TRP A 12 4.19 1.30 -0.55
C TRP A 12 4.15 0.13 -1.52
N VAL A 13 4.18 -1.08 -0.97
CA VAL A 13 4.14 -2.29 -1.79
C VAL A 13 2.87 -3.09 -1.54
N GLU A 14 2.29 -3.61 -2.61
CA GLU A 14 1.05 -4.39 -2.50
C GLU A 14 1.37 -5.85 -2.14
N ASN A 15 0.87 -6.28 -0.99
CA ASN A 15 1.10 -7.65 -0.52
C ASN A 15 -0.17 -8.23 0.07
N LYS A 16 -0.10 -9.50 0.47
CA LYS A 16 -1.25 -10.18 1.07
C LYS A 16 -0.80 -11.15 2.16
N THR A 17 -1.25 -10.90 3.39
CA THR A 17 -0.91 -11.76 4.51
C THR A 17 -1.19 -13.22 4.20
N PRO A 18 -0.51 -14.12 4.94
CA PRO A 18 -0.67 -15.57 4.76
C PRO A 18 -2.03 -16.06 5.24
N ASP A 19 -2.91 -15.12 5.58
CA ASP A 19 -4.25 -15.46 6.06
C ASP A 19 -5.29 -15.18 4.98
N GLY A 20 -5.03 -14.16 4.17
CA GLY A 20 -5.96 -13.80 3.11
C GLY A 20 -6.41 -12.35 3.19
N LYS A 21 -5.46 -11.45 3.43
CA LYS A 21 -5.77 -10.03 3.54
C LYS A 21 -4.68 -9.19 2.87
N VAL A 22 -5.08 -8.38 1.89
CA VAL A 22 -4.14 -7.53 1.17
C VAL A 22 -3.73 -6.33 2.03
N TYR A 23 -2.42 -6.10 2.12
CA TYR A 23 -1.90 -4.99 2.92
C TYR A 23 -0.85 -4.21 2.13
N TYR A 24 -0.38 -3.12 2.72
CA TYR A 24 0.64 -2.29 2.06
C TYR A 24 1.88 -2.17 2.94
N TYR A 25 3.04 -2.43 2.34
CA TYR A 25 4.30 -2.35 3.07
C TYR A 25 5.14 -1.17 2.57
N ASN A 26 5.58 -0.34 3.51
CA ASN A 26 6.39 0.83 3.17
C ASN A 26 7.87 0.46 3.11
N ALA A 27 8.52 0.84 2.02
CA ALA A 27 9.93 0.55 1.83
C ALA A 27 10.80 1.58 2.55
N ARG A 28 10.21 2.73 2.85
CA ARG A 28 10.93 3.80 3.53
C ARG A 28 10.92 3.58 5.05
N THR A 29 9.75 3.23 5.58
CA THR A 29 9.61 2.99 7.01
C THR A 29 9.75 1.50 7.33
N ARG A 30 9.58 0.66 6.32
CA ARG A 30 9.68 -0.78 6.49
C ARG A 30 8.54 -1.30 7.37
N GLU A 31 7.36 -0.69 7.23
CA GLU A 31 6.19 -1.08 8.01
C GLU A 31 5.09 -1.62 7.10
N SER A 32 4.03 -2.14 7.71
CA SER A 32 2.91 -2.69 6.97
C SER A 32 1.58 -2.19 7.52
N ALA A 33 0.71 -1.73 6.63
CA ALA A 33 -0.60 -1.22 7.03
C ALA A 33 -1.63 -1.46 5.94
N TRP A 34 -2.74 -2.10 6.32
CA TRP A 34 -3.81 -2.39 5.37
C TRP A 34 -3.92 -1.29 4.32
N THR A 35 -4.21 -0.07 4.77
CA THR A 35 -4.34 1.07 3.88
C THR A 35 -3.13 1.99 3.98
N LYS A 36 -2.95 2.83 2.96
CA LYS A 36 -1.84 3.77 2.93
C LYS A 36 -2.22 5.08 3.59
N PRO A 37 -1.25 5.70 4.28
CA PRO A 37 -1.45 6.98 4.97
C PRO A 37 -1.66 8.14 4.00
N ASP A 38 -2.26 9.22 4.50
CA ASP A 38 -2.51 10.40 3.67
C ASP A 38 -1.35 11.38 3.74
N GLY A 39 -1.40 12.42 2.91
CA GLY A 39 -0.34 13.41 2.89
C GLY A 39 1.03 12.78 2.73
N VAL A 40 1.21 12.04 1.64
CA VAL A 40 2.49 11.39 1.35
C VAL A 40 3.08 11.86 0.02
N GLY A 1 -14.08 -4.42 -15.25
CA GLY A 1 -13.82 -5.64 -14.53
C GLY A 1 -13.81 -5.44 -13.02
N SER A 2 -13.43 -6.49 -12.29
CA SER A 2 -13.39 -6.42 -10.84
C SER A 2 -12.67 -5.15 -10.37
N SER A 3 -11.42 -5.00 -10.79
CA SER A 3 -10.63 -3.84 -10.41
C SER A 3 -10.70 -2.76 -11.50
N GLY A 4 -10.35 -1.53 -11.12
CA GLY A 4 -10.38 -0.44 -12.08
C GLY A 4 -10.33 0.92 -11.39
N SER A 5 -9.52 1.03 -10.35
CA SER A 5 -9.39 2.28 -9.62
C SER A 5 -8.60 3.30 -10.42
N SER A 6 -8.94 4.58 -10.23
CA SER A 6 -8.26 5.66 -10.94
C SER A 6 -7.70 6.69 -9.97
N GLY A 7 -6.53 7.23 -10.28
CA GLY A 7 -5.90 8.21 -9.43
C GLY A 7 -4.39 8.15 -9.46
N THR A 8 -3.78 8.06 -8.28
CA THR A 8 -2.32 7.99 -8.18
C THR A 8 -1.90 6.93 -7.16
N GLU A 9 -0.75 6.32 -7.41
CA GLU A 9 -0.23 5.29 -6.51
C GLU A 9 0.84 5.87 -5.58
N GLU A 10 1.30 5.04 -4.64
CA GLU A 10 2.31 5.48 -3.69
C GLU A 10 3.53 4.57 -3.74
N ILE A 11 4.55 4.90 -2.94
CA ILE A 11 5.77 4.11 -2.91
C ILE A 11 5.58 2.83 -2.11
N TRP A 12 4.34 2.58 -1.71
CA TRP A 12 4.02 1.37 -0.95
C TRP A 12 3.91 0.16 -1.86
N VAL A 13 4.23 -1.02 -1.32
CA VAL A 13 4.17 -2.25 -2.09
C VAL A 13 2.94 -3.08 -1.71
N GLU A 14 2.26 -3.60 -2.71
CA GLU A 14 1.06 -4.41 -2.48
C GLU A 14 1.43 -5.82 -2.05
N ASN A 15 0.73 -6.32 -1.04
CA ASN A 15 0.99 -7.66 -0.52
C ASN A 15 -0.27 -8.27 0.08
N LYS A 16 -0.18 -9.52 0.50
CA LYS A 16 -1.31 -10.21 1.11
C LYS A 16 -0.86 -11.11 2.25
N THR A 17 -1.36 -10.84 3.46
CA THR A 17 -1.00 -11.62 4.62
C THR A 17 -1.21 -13.11 4.38
N PRO A 18 -0.48 -13.95 5.14
CA PRO A 18 -0.58 -15.41 5.02
C PRO A 18 -1.91 -15.94 5.53
N ASP A 19 -2.85 -15.05 5.77
CA ASP A 19 -4.17 -15.43 6.27
C ASP A 19 -5.25 -15.12 5.23
N GLY A 20 -4.99 -14.13 4.39
CA GLY A 20 -5.95 -13.75 3.37
C GLY A 20 -6.38 -12.30 3.49
N LYS A 21 -5.41 -11.39 3.59
CA LYS A 21 -5.71 -9.97 3.71
C LYS A 21 -4.66 -9.13 2.99
N VAL A 22 -5.10 -8.39 1.98
CA VAL A 22 -4.20 -7.54 1.21
C VAL A 22 -3.76 -6.32 2.02
N TYR A 23 -2.46 -6.11 2.09
CA TYR A 23 -1.91 -4.98 2.84
C TYR A 23 -0.88 -4.23 2.00
N TYR A 24 -0.34 -3.15 2.56
CA TYR A 24 0.66 -2.34 1.88
C TYR A 24 1.90 -2.16 2.74
N TYR A 25 3.06 -2.42 2.16
CA TYR A 25 4.33 -2.28 2.87
C TYR A 25 5.13 -1.11 2.34
N ASN A 26 5.53 -0.21 3.24
CA ASN A 26 6.30 0.97 2.87
C ASN A 26 7.78 0.64 2.82
N ALA A 27 8.43 1.01 1.72
CA ALA A 27 9.86 0.77 1.55
C ALA A 27 10.69 1.83 2.26
N ARG A 28 10.04 2.93 2.63
CA ARG A 28 10.72 4.03 3.31
C ARG A 28 10.69 3.82 4.83
N THR A 29 9.52 3.46 5.35
CA THR A 29 9.36 3.24 6.78
C THR A 29 9.53 1.76 7.12
N ARG A 30 9.33 0.90 6.14
CA ARG A 30 9.46 -0.54 6.34
C ARG A 30 8.39 -1.06 7.30
N GLU A 31 7.18 -0.53 7.17
CA GLU A 31 6.07 -0.94 8.02
C GLU A 31 4.96 -1.60 7.20
N SER A 32 3.96 -2.14 7.89
CA SER A 32 2.85 -2.80 7.24
C SER A 32 1.52 -2.17 7.64
N ALA A 33 0.80 -1.64 6.67
CA ALA A 33 -0.49 -1.01 6.93
C ALA A 33 -1.51 -1.37 5.84
N TRP A 34 -2.62 -1.97 6.27
CA TRP A 34 -3.67 -2.37 5.34
C TRP A 34 -3.81 -1.36 4.20
N THR A 35 -4.14 -0.12 4.55
CA THR A 35 -4.30 0.94 3.55
C THR A 35 -3.14 1.92 3.61
N LYS A 36 -2.96 2.68 2.53
CA LYS A 36 -1.88 3.66 2.45
C LYS A 36 -2.30 4.98 3.11
N PRO A 37 -1.33 5.62 3.79
CA PRO A 37 -1.56 6.90 4.47
C PRO A 37 -1.79 8.04 3.50
N ASP A 38 -2.41 9.11 3.99
CA ASP A 38 -2.68 10.29 3.16
C ASP A 38 -1.64 11.38 3.39
N GLY A 39 -0.88 11.69 2.34
CA GLY A 39 0.14 12.71 2.46
C GLY A 39 1.53 12.13 2.59
N VAL A 40 1.69 11.17 3.51
CA VAL A 40 2.98 10.54 3.74
C VAL A 40 4.00 11.54 4.24
N GLY A 1 -13.96 8.84 -17.76
CA GLY A 1 -13.50 9.72 -16.71
C GLY A 1 -12.25 9.19 -16.02
N SER A 2 -12.46 8.26 -15.08
CA SER A 2 -11.34 7.68 -14.34
C SER A 2 -10.61 8.73 -13.53
N SER A 3 -11.37 9.62 -12.90
CA SER A 3 -10.79 10.69 -12.09
C SER A 3 -11.32 10.64 -10.66
N GLY A 4 -10.50 11.08 -9.72
CA GLY A 4 -10.90 11.07 -8.32
C GLY A 4 -9.76 10.76 -7.38
N SER A 5 -8.85 11.70 -7.21
CA SER A 5 -7.69 11.51 -6.34
C SER A 5 -6.82 10.38 -6.85
N SER A 6 -6.61 10.33 -8.16
CA SER A 6 -5.80 9.29 -8.77
C SER A 6 -4.62 9.89 -9.53
N GLY A 7 -3.72 9.04 -9.99
CA GLY A 7 -2.55 9.51 -10.73
C GLY A 7 -1.30 8.71 -10.41
N THR A 8 -0.51 9.20 -9.46
CA THR A 8 0.72 8.52 -9.07
C THR A 8 0.50 7.63 -7.85
N GLU A 9 1.16 6.49 -7.82
CA GLU A 9 1.04 5.55 -6.70
C GLU A 9 2.06 5.88 -5.61
N GLU A 10 1.77 5.46 -4.39
CA GLU A 10 2.66 5.69 -3.26
C GLU A 10 3.90 4.80 -3.35
N ILE A 11 4.80 4.95 -2.39
CA ILE A 11 6.03 4.16 -2.35
C ILE A 11 5.79 2.82 -1.67
N TRP A 12 4.56 2.60 -1.22
CA TRP A 12 4.20 1.35 -0.55
C TRP A 12 4.11 0.21 -1.56
N VAL A 13 4.17 -1.03 -1.04
CA VAL A 13 4.09 -2.21 -1.90
C VAL A 13 2.81 -2.99 -1.63
N GLU A 14 2.26 -3.60 -2.68
CA GLU A 14 1.03 -4.38 -2.56
C GLU A 14 1.34 -5.82 -2.20
N ASN A 15 0.83 -6.27 -1.05
CA ASN A 15 1.05 -7.63 -0.58
C ASN A 15 -0.22 -8.20 0.02
N LYS A 16 -0.17 -9.50 0.35
CA LYS A 16 -1.32 -10.18 0.94
C LYS A 16 -0.88 -11.11 2.07
N THR A 17 -1.40 -10.87 3.27
CA THR A 17 -1.06 -11.69 4.43
C THR A 17 -1.27 -13.17 4.12
N PRO A 18 -0.55 -14.03 4.87
CA PRO A 18 -0.62 -15.47 4.71
C PRO A 18 -1.97 -16.04 5.17
N ASP A 19 -2.89 -15.15 5.50
CA ASP A 19 -4.21 -15.56 5.96
C ASP A 19 -5.28 -15.21 4.93
N GLY A 20 -5.00 -14.19 4.13
CA GLY A 20 -5.96 -13.77 3.11
C GLY A 20 -6.40 -12.33 3.29
N LYS A 21 -5.44 -11.44 3.49
CA LYS A 21 -5.74 -10.03 3.67
C LYS A 21 -4.71 -9.15 2.97
N VAL A 22 -5.15 -8.38 1.98
CA VAL A 22 -4.27 -7.50 1.24
C VAL A 22 -3.84 -6.30 2.07
N TYR A 23 -2.54 -6.07 2.14
CA TYR A 23 -2.01 -4.95 2.92
C TYR A 23 -0.95 -4.19 2.13
N TYR A 24 -0.42 -3.13 2.71
CA TYR A 24 0.59 -2.31 2.06
C TYR A 24 1.83 -2.18 2.94
N TYR A 25 3.00 -2.36 2.33
CA TYR A 25 4.26 -2.26 3.06
C TYR A 25 5.10 -1.11 2.54
N ASN A 26 5.53 -0.23 3.45
CA ASN A 26 6.35 0.92 3.07
C ASN A 26 7.82 0.55 3.00
N ALA A 27 8.46 0.92 1.90
CA ALA A 27 9.88 0.62 1.71
C ALA A 27 10.76 1.65 2.41
N ARG A 28 10.16 2.78 2.76
CA ARG A 28 10.89 3.85 3.44
C ARG A 28 10.88 3.65 4.96
N THR A 29 9.72 3.27 5.49
CA THR A 29 9.57 3.04 6.92
C THR A 29 9.70 1.56 7.25
N ARG A 30 9.49 0.71 6.26
CA ARG A 30 9.59 -0.73 6.45
C ARG A 30 8.52 -1.22 7.42
N GLU A 31 7.33 -0.66 7.32
CA GLU A 31 6.22 -1.03 8.20
C GLU A 31 5.12 -1.74 7.40
N SER A 32 4.12 -2.24 8.12
CA SER A 32 3.00 -2.94 7.49
C SER A 32 1.67 -2.35 7.93
N ALA A 33 0.89 -1.87 6.96
CA ALA A 33 -0.41 -1.28 7.24
C ALA A 33 -1.43 -1.64 6.15
N TRP A 34 -2.59 -2.09 6.58
CA TRP A 34 -3.65 -2.47 5.65
C TRP A 34 -3.80 -1.44 4.54
N THR A 35 -4.07 -0.19 4.93
CA THR A 35 -4.23 0.89 3.97
C THR A 35 -3.07 1.87 4.04
N LYS A 36 -2.84 2.59 2.95
CA LYS A 36 -1.75 3.56 2.89
C LYS A 36 -2.19 4.90 3.47
N PRO A 37 -1.24 5.65 4.02
CA PRO A 37 -1.50 6.97 4.62
C PRO A 37 -1.87 8.01 3.57
N ASP A 38 -2.25 9.20 4.03
CA ASP A 38 -2.63 10.29 3.13
C ASP A 38 -1.71 11.49 3.33
N GLY A 39 -1.35 12.15 2.22
CA GLY A 39 -0.48 13.30 2.29
C GLY A 39 0.95 12.92 2.64
N VAL A 40 1.50 11.96 1.92
CA VAL A 40 2.87 11.51 2.17
C VAL A 40 3.88 12.47 1.55
N GLY A 1 7.52 4.99 -16.92
CA GLY A 1 8.33 4.34 -17.94
C GLY A 1 7.78 4.57 -19.34
N SER A 2 8.63 4.38 -20.34
CA SER A 2 8.23 4.57 -21.73
C SER A 2 7.26 3.49 -22.17
N SER A 3 7.58 2.24 -21.83
CA SER A 3 6.73 1.11 -22.20
C SER A 3 5.62 0.91 -21.18
N GLY A 4 5.98 1.00 -19.90
CA GLY A 4 4.99 0.83 -18.84
C GLY A 4 4.47 2.15 -18.31
N SER A 5 3.95 2.14 -17.09
CA SER A 5 3.42 3.34 -16.47
C SER A 5 4.26 3.76 -15.27
N SER A 6 4.35 5.06 -15.03
CA SER A 6 5.13 5.59 -13.91
C SER A 6 4.67 4.97 -12.60
N GLY A 7 3.41 5.19 -12.26
CA GLY A 7 2.86 4.65 -11.03
C GLY A 7 2.03 5.66 -10.27
N THR A 8 0.71 5.60 -10.44
CA THR A 8 -0.20 6.51 -9.77
C THR A 8 -0.48 6.06 -8.33
N GLU A 9 0.36 5.18 -7.82
CA GLU A 9 0.20 4.67 -6.46
C GLU A 9 1.30 5.19 -5.55
N GLU A 10 1.10 5.04 -4.24
CA GLU A 10 2.07 5.50 -3.26
C GLU A 10 3.36 4.67 -3.33
N ILE A 11 4.33 5.05 -2.51
CA ILE A 11 5.61 4.34 -2.48
C ILE A 11 5.48 3.00 -1.76
N TRP A 12 4.25 2.66 -1.40
CA TRP A 12 3.99 1.41 -0.70
C TRP A 12 3.94 0.24 -1.68
N VAL A 13 4.07 -0.97 -1.14
CA VAL A 13 4.05 -2.18 -1.97
C VAL A 13 2.80 -3.00 -1.71
N GLU A 14 2.30 -3.66 -2.76
CA GLU A 14 1.10 -4.48 -2.64
C GLU A 14 1.45 -5.90 -2.22
N ASN A 15 0.85 -6.35 -1.13
CA ASN A 15 1.09 -7.69 -0.61
C ASN A 15 -0.16 -8.28 0.02
N LYS A 16 -0.10 -9.56 0.36
CA LYS A 16 -1.24 -10.25 0.97
C LYS A 16 -0.79 -11.09 2.15
N THR A 17 -1.32 -10.79 3.34
CA THR A 17 -0.98 -11.53 4.55
C THR A 17 -1.15 -13.03 4.35
N PRO A 18 -0.41 -13.82 5.15
CA PRO A 18 -0.48 -15.28 5.07
C PRO A 18 -1.80 -15.84 5.56
N ASP A 19 -2.77 -14.94 5.79
CA ASP A 19 -4.09 -15.35 6.26
C ASP A 19 -5.14 -15.15 5.17
N GLY A 20 -4.90 -14.18 4.29
CA GLY A 20 -5.83 -13.91 3.21
C GLY A 20 -6.35 -12.48 3.24
N LYS A 21 -5.45 -11.54 3.53
CA LYS A 21 -5.81 -10.13 3.59
C LYS A 21 -4.75 -9.26 2.91
N VAL A 22 -5.17 -8.51 1.89
CA VAL A 22 -4.26 -7.65 1.15
C VAL A 22 -3.86 -6.43 1.99
N TYR A 23 -2.56 -6.15 2.04
CA TYR A 23 -2.05 -5.02 2.81
C TYR A 23 -1.00 -4.26 2.01
N TYR A 24 -0.50 -3.17 2.59
CA TYR A 24 0.52 -2.35 1.95
C TYR A 24 1.74 -2.20 2.83
N TYR A 25 2.93 -2.33 2.22
CA TYR A 25 4.18 -2.21 2.96
C TYR A 25 4.99 -1.01 2.46
N ASN A 26 5.38 -0.14 3.39
CA ASN A 26 6.16 1.04 3.04
C ASN A 26 7.64 0.71 2.95
N ALA A 27 8.27 1.14 1.87
CA ALA A 27 9.70 0.89 1.66
C ALA A 27 10.55 1.93 2.37
N ARG A 28 9.92 3.02 2.81
CA ARG A 28 10.62 4.09 3.51
C ARG A 28 10.62 3.84 5.01
N THR A 29 9.48 3.40 5.54
CA THR A 29 9.36 3.13 6.96
C THR A 29 9.55 1.64 7.27
N ARG A 30 9.32 0.81 6.25
CA ARG A 30 9.48 -0.64 6.41
C ARG A 30 8.43 -1.19 7.38
N GLU A 31 7.21 -0.70 7.26
CA GLU A 31 6.12 -1.15 8.13
C GLU A 31 4.99 -1.76 7.31
N SER A 32 4.01 -2.32 8.00
CA SER A 32 2.86 -2.94 7.34
C SER A 32 1.56 -2.24 7.73
N ALA A 33 0.81 -1.83 6.71
CA ALA A 33 -0.47 -1.15 6.94
C ALA A 33 -1.49 -1.52 5.88
N TRP A 34 -2.64 -2.01 6.32
CA TRP A 34 -3.70 -2.41 5.40
C TRP A 34 -3.84 -1.40 4.26
N THR A 35 -4.18 -0.17 4.60
CA THR A 35 -4.34 0.88 3.61
C THR A 35 -3.23 1.92 3.71
N LYS A 36 -2.95 2.60 2.61
CA LYS A 36 -1.91 3.62 2.58
C LYS A 36 -2.36 4.88 3.29
N PRO A 37 -1.43 5.50 4.04
CA PRO A 37 -1.72 6.73 4.79
C PRO A 37 -1.93 7.94 3.88
N ASP A 38 -2.14 9.10 4.48
CA ASP A 38 -2.35 10.33 3.71
C ASP A 38 -1.31 11.38 4.09
N GLY A 39 -0.67 11.95 3.08
CA GLY A 39 0.34 12.97 3.32
C GLY A 39 1.75 12.44 3.13
N VAL A 40 1.98 11.77 2.01
CA VAL A 40 3.29 11.22 1.71
C VAL A 40 4.04 12.08 0.70
N GLY A 1 -15.22 -2.42 -23.67
CA GLY A 1 -14.53 -1.15 -23.48
C GLY A 1 -13.55 -1.18 -22.34
N SER A 2 -12.27 -1.22 -22.66
CA SER A 2 -11.22 -1.25 -21.64
C SER A 2 -10.14 -0.22 -21.95
N SER A 3 -9.61 0.42 -20.90
CA SER A 3 -8.56 1.42 -21.06
C SER A 3 -7.76 1.57 -19.77
N GLY A 4 -6.45 1.64 -19.91
CA GLY A 4 -5.59 1.79 -18.75
C GLY A 4 -5.53 3.22 -18.25
N SER A 5 -6.19 3.46 -17.12
CA SER A 5 -6.22 4.80 -16.52
C SER A 5 -6.02 4.72 -15.01
N SER A 6 -4.89 5.24 -14.56
CA SER A 6 -4.57 5.24 -13.13
C SER A 6 -3.66 6.41 -12.77
N GLY A 7 -4.01 7.12 -11.70
CA GLY A 7 -3.21 8.26 -11.27
C GLY A 7 -1.86 7.85 -10.74
N THR A 8 -1.36 8.61 -9.77
CA THR A 8 -0.06 8.32 -9.17
C THR A 8 -0.19 7.33 -8.01
N GLU A 9 0.80 6.46 -7.87
CA GLU A 9 0.80 5.47 -6.80
C GLU A 9 1.81 5.83 -5.72
N GLU A 10 1.54 5.39 -4.50
CA GLU A 10 2.43 5.66 -3.37
C GLU A 10 3.69 4.81 -3.45
N ILE A 11 4.59 5.00 -2.49
CA ILE A 11 5.84 4.24 -2.46
C ILE A 11 5.65 2.90 -1.75
N TRP A 12 4.44 2.65 -1.29
CA TRP A 12 4.12 1.40 -0.60
C TRP A 12 4.05 0.24 -1.59
N VAL A 13 4.12 -0.98 -1.07
CA VAL A 13 4.06 -2.18 -1.90
C VAL A 13 2.80 -2.98 -1.62
N GLU A 14 2.22 -3.54 -2.68
CA GLU A 14 1.00 -4.34 -2.55
C GLU A 14 1.34 -5.79 -2.19
N ASN A 15 0.84 -6.24 -1.04
CA ASN A 15 1.09 -7.60 -0.58
C ASN A 15 -0.18 -8.22 0.00
N LYS A 16 -0.12 -9.51 0.31
CA LYS A 16 -1.25 -10.22 0.88
C LYS A 16 -0.82 -11.11 2.03
N THR A 17 -1.37 -10.84 3.21
CA THR A 17 -1.04 -11.62 4.40
C THR A 17 -1.20 -13.11 4.14
N PRO A 18 -0.48 -13.93 4.92
CA PRO A 18 -0.53 -15.40 4.79
C PRO A 18 -1.86 -15.97 5.26
N ASP A 19 -2.82 -15.08 5.54
CA ASP A 19 -4.13 -15.51 6.00
C ASP A 19 -5.20 -15.19 4.95
N GLY A 20 -4.93 -14.18 4.13
CA GLY A 20 -5.88 -13.79 3.09
C GLY A 20 -6.34 -12.36 3.25
N LYS A 21 -5.40 -11.44 3.42
CA LYS A 21 -5.72 -10.03 3.59
C LYS A 21 -4.68 -9.15 2.91
N VAL A 22 -5.11 -8.40 1.91
CA VAL A 22 -4.21 -7.51 1.17
C VAL A 22 -3.81 -6.31 2.02
N TYR A 23 -2.52 -6.04 2.11
CA TYR A 23 -2.01 -4.93 2.88
C TYR A 23 -0.96 -4.15 2.10
N TYR A 24 -0.46 -3.07 2.70
CA TYR A 24 0.55 -2.24 2.06
C TYR A 24 1.79 -2.12 2.93
N TYR A 25 2.97 -2.21 2.30
CA TYR A 25 4.22 -2.12 3.03
C TYR A 25 5.07 -0.97 2.49
N ASN A 26 5.51 -0.09 3.38
CA ASN A 26 6.33 1.05 3.00
C ASN A 26 7.80 0.66 2.94
N ALA A 27 8.46 1.00 1.84
CA ALA A 27 9.87 0.69 1.65
C ALA A 27 10.74 1.73 2.35
N ARG A 28 10.14 2.83 2.77
CA ARG A 28 10.87 3.90 3.45
C ARG A 28 10.86 3.68 4.96
N THR A 29 9.68 3.38 5.50
CA THR A 29 9.54 3.15 6.93
C THR A 29 9.64 1.67 7.27
N ARG A 30 9.38 0.82 6.27
CA ARG A 30 9.44 -0.62 6.47
C ARG A 30 8.36 -1.08 7.45
N GLU A 31 7.16 -0.57 7.28
CA GLU A 31 6.04 -0.93 8.15
C GLU A 31 4.97 -1.69 7.38
N SER A 32 3.96 -2.18 8.11
CA SER A 32 2.87 -2.93 7.49
C SER A 32 1.52 -2.36 7.93
N ALA A 33 0.76 -1.88 6.95
CA ALA A 33 -0.56 -1.32 7.23
C ALA A 33 -1.55 -1.64 6.11
N TRP A 34 -2.74 -2.07 6.47
CA TRP A 34 -3.78 -2.41 5.50
C TRP A 34 -3.88 -1.34 4.42
N THR A 35 -4.11 -0.10 4.85
CA THR A 35 -4.23 1.02 3.93
C THR A 35 -3.05 1.98 4.06
N LYS A 36 -2.82 2.76 3.01
CA LYS A 36 -1.71 3.73 3.01
C LYS A 36 -2.14 5.04 3.67
N PRO A 37 -1.18 5.75 4.27
CA PRO A 37 -1.43 7.02 4.94
C PRO A 37 -1.76 8.14 3.94
N ASP A 38 -2.24 9.26 4.47
CA ASP A 38 -2.58 10.41 3.63
C ASP A 38 -1.44 11.41 3.59
N GLY A 39 -1.15 11.93 2.39
CA GLY A 39 -0.08 12.89 2.24
C GLY A 39 1.29 12.25 2.35
N VAL A 40 1.46 11.10 1.73
CA VAL A 40 2.74 10.39 1.76
C VAL A 40 3.89 11.30 1.35
N GLY A 1 -11.22 18.64 -4.75
CA GLY A 1 -12.25 17.61 -4.82
C GLY A 1 -12.54 16.98 -3.47
N SER A 2 -13.64 17.38 -2.85
CA SER A 2 -14.02 16.86 -1.54
C SER A 2 -14.20 15.34 -1.60
N SER A 3 -14.86 14.88 -2.65
CA SER A 3 -15.11 13.45 -2.82
C SER A 3 -13.80 12.69 -2.99
N GLY A 4 -13.09 12.99 -4.07
CA GLY A 4 -11.82 12.32 -4.34
C GLY A 4 -10.95 13.12 -5.29
N SER A 5 -10.22 14.09 -4.76
CA SER A 5 -9.33 14.91 -5.57
C SER A 5 -8.07 14.15 -5.95
N SER A 6 -7.34 13.70 -4.93
CA SER A 6 -6.10 12.96 -5.16
C SER A 6 -6.36 11.71 -6.00
N GLY A 7 -5.28 11.15 -6.56
CA GLY A 7 -5.42 9.97 -7.37
C GLY A 7 -4.09 9.50 -7.94
N THR A 8 -3.09 9.39 -7.07
CA THR A 8 -1.76 8.95 -7.49
C THR A 8 -1.32 7.73 -6.71
N GLU A 9 -0.28 7.06 -7.21
CA GLU A 9 0.24 5.86 -6.57
C GLU A 9 1.24 6.23 -5.47
N GLU A 10 1.41 5.32 -4.51
CA GLU A 10 2.34 5.55 -3.41
C GLU A 10 3.59 4.69 -3.55
N ILE A 11 4.52 4.84 -2.62
CA ILE A 11 5.75 4.07 -2.64
C ILE A 11 5.58 2.73 -1.93
N TRP A 12 4.38 2.48 -1.44
CA TRP A 12 4.08 1.23 -0.74
C TRP A 12 3.96 0.07 -1.73
N VAL A 13 4.16 -1.14 -1.23
CA VAL A 13 4.08 -2.34 -2.07
C VAL A 13 2.81 -3.13 -1.77
N GLU A 14 2.30 -3.81 -2.79
CA GLU A 14 1.09 -4.60 -2.64
C GLU A 14 1.41 -6.03 -2.23
N ASN A 15 0.88 -6.45 -1.09
CA ASN A 15 1.12 -7.80 -0.58
C ASN A 15 -0.16 -8.39 0.03
N LYS A 16 -0.11 -9.67 0.37
CA LYS A 16 -1.26 -10.35 0.96
C LYS A 16 -0.83 -11.19 2.15
N THR A 17 -1.38 -10.87 3.32
CA THR A 17 -1.05 -11.59 4.55
C THR A 17 -1.23 -13.10 4.36
N PRO A 18 -0.52 -13.88 5.18
CA PRO A 18 -0.57 -15.34 5.11
C PRO A 18 -1.91 -15.89 5.61
N ASP A 19 -2.85 -14.99 5.85
CA ASP A 19 -4.18 -15.37 6.32
C ASP A 19 -5.24 -15.11 5.25
N GLY A 20 -4.94 -14.19 4.35
CA GLY A 20 -5.88 -13.86 3.29
C GLY A 20 -6.35 -12.42 3.37
N LYS A 21 -5.42 -11.50 3.56
CA LYS A 21 -5.75 -10.08 3.66
C LYS A 21 -4.70 -9.23 2.95
N VAL A 22 -5.13 -8.50 1.92
CA VAL A 22 -4.23 -7.65 1.15
C VAL A 22 -3.83 -6.42 1.97
N TYR A 23 -2.52 -6.20 2.07
CA TYR A 23 -2.00 -5.06 2.82
C TYR A 23 -0.93 -4.32 2.02
N TYR A 24 -0.42 -3.25 2.58
CA TYR A 24 0.62 -2.45 1.93
C TYR A 24 1.86 -2.33 2.81
N TYR A 25 3.03 -2.42 2.19
CA TYR A 25 4.28 -2.32 2.91
C TYR A 25 5.13 -1.16 2.39
N ASN A 26 5.55 -0.28 3.30
CA ASN A 26 6.36 0.86 2.92
C ASN A 26 7.85 0.50 2.92
N ALA A 27 8.54 0.88 1.85
CA ALA A 27 9.96 0.59 1.72
C ALA A 27 10.79 1.64 2.45
N ARG A 28 10.17 2.77 2.76
CA ARG A 28 10.86 3.86 3.45
C ARG A 28 10.78 3.68 4.98
N THR A 29 9.60 3.30 5.46
CA THR A 29 9.40 3.08 6.89
C THR A 29 9.54 1.61 7.25
N ARG A 30 9.34 0.74 6.26
CA ARG A 30 9.44 -0.70 6.47
C ARG A 30 8.34 -1.19 7.41
N GLU A 31 7.15 -0.61 7.27
CA GLU A 31 6.01 -0.99 8.09
C GLU A 31 4.90 -1.60 7.25
N SER A 32 3.88 -2.12 7.92
CA SER A 32 2.75 -2.75 7.23
C SER A 32 1.44 -2.07 7.61
N ALA A 33 0.69 -1.64 6.59
CA ALA A 33 -0.58 -0.98 6.82
C ALA A 33 -1.60 -1.37 5.76
N TRP A 34 -2.74 -1.90 6.20
CA TRP A 34 -3.80 -2.32 5.28
C TRP A 34 -3.95 -1.33 4.14
N THR A 35 -3.93 -0.04 4.48
CA THR A 35 -4.07 1.00 3.47
C THR A 35 -2.94 2.03 3.58
N LYS A 36 -2.67 2.73 2.48
CA LYS A 36 -1.62 3.73 2.45
C LYS A 36 -1.99 4.93 3.30
N PRO A 37 -0.96 5.63 3.83
CA PRO A 37 -1.16 6.82 4.67
C PRO A 37 -1.70 8.01 3.87
N ASP A 38 -1.86 9.14 4.55
CA ASP A 38 -2.36 10.35 3.92
C ASP A 38 -1.35 11.49 4.03
N GLY A 39 -1.37 12.39 3.05
CA GLY A 39 -0.46 13.51 3.06
C GLY A 39 0.94 13.12 2.60
N VAL A 40 1.42 11.98 3.10
CA VAL A 40 2.75 11.50 2.74
C VAL A 40 3.08 11.83 1.29
N GLY A 1 10.75 -6.79 -21.33
CA GLY A 1 10.38 -6.32 -20.00
C GLY A 1 8.93 -5.91 -19.91
N SER A 2 8.49 -5.55 -18.71
CA SER A 2 7.11 -5.13 -18.50
C SER A 2 6.97 -3.61 -18.62
N SER A 3 5.73 -3.15 -18.79
CA SER A 3 5.47 -1.72 -18.92
C SER A 3 5.62 -1.01 -17.59
N GLY A 4 5.07 -1.61 -16.54
CA GLY A 4 5.16 -1.02 -15.22
C GLY A 4 3.82 -0.50 -14.72
N SER A 5 3.29 0.51 -15.40
CA SER A 5 2.01 1.10 -15.02
C SER A 5 2.08 1.70 -13.62
N SER A 6 3.15 2.43 -13.35
CA SER A 6 3.35 3.05 -12.05
C SER A 6 3.72 4.53 -12.20
N GLY A 7 3.25 5.35 -11.27
CA GLY A 7 3.53 6.77 -11.32
C GLY A 7 2.93 7.53 -10.15
N THR A 8 1.61 7.72 -10.19
CA THR A 8 0.91 8.44 -9.14
C THR A 8 0.64 7.53 -7.95
N GLU A 9 1.28 6.37 -7.94
CA GLU A 9 1.11 5.41 -6.86
C GLU A 9 2.14 5.63 -5.75
N GLU A 10 1.72 5.44 -4.50
CA GLU A 10 2.60 5.63 -3.35
C GLU A 10 3.83 4.76 -3.48
N ILE A 11 4.74 4.87 -2.51
CA ILE A 11 5.96 4.10 -2.51
C ILE A 11 5.76 2.75 -1.83
N TRP A 12 4.54 2.50 -1.36
CA TRP A 12 4.21 1.25 -0.69
C TRP A 12 4.11 0.11 -1.69
N VAL A 13 4.18 -1.12 -1.19
CA VAL A 13 4.09 -2.30 -2.04
C VAL A 13 2.83 -3.09 -1.76
N GLU A 14 2.26 -3.69 -2.81
CA GLU A 14 1.04 -4.47 -2.67
C GLU A 14 1.36 -5.91 -2.27
N ASN A 15 0.80 -6.35 -1.15
CA ASN A 15 1.03 -7.71 -0.65
C ASN A 15 -0.23 -8.26 0.00
N LYS A 16 -0.18 -9.54 0.38
CA LYS A 16 -1.31 -10.20 1.02
C LYS A 16 -0.85 -11.08 2.17
N THR A 17 -1.35 -10.79 3.37
CA THR A 17 -0.98 -11.56 4.55
C THR A 17 -1.19 -13.06 4.32
N PRO A 18 -0.50 -13.88 5.10
CA PRO A 18 -0.59 -15.34 5.01
C PRO A 18 -1.94 -15.87 5.50
N ASP A 19 -2.86 -14.95 5.77
CA ASP A 19 -4.20 -15.31 6.24
C ASP A 19 -5.24 -15.06 5.16
N GLY A 20 -4.93 -14.16 4.24
CA GLY A 20 -5.86 -13.84 3.17
C GLY A 20 -6.35 -12.41 3.23
N LYS A 21 -5.43 -11.48 3.43
CA LYS A 21 -5.77 -10.05 3.51
C LYS A 21 -4.74 -9.20 2.80
N VAL A 22 -5.19 -8.39 1.86
CA VAL A 22 -4.30 -7.51 1.10
C VAL A 22 -3.88 -6.30 1.93
N TYR A 23 -2.57 -6.09 2.02
CA TYR A 23 -2.03 -4.97 2.78
C TYR A 23 -0.95 -4.23 2.00
N TYR A 24 -0.43 -3.16 2.58
CA TYR A 24 0.61 -2.37 1.93
C TYR A 24 1.84 -2.25 2.82
N TYR A 25 3.01 -2.39 2.21
CA TYR A 25 4.27 -2.30 2.94
C TYR A 25 5.13 -1.15 2.41
N ASN A 26 5.57 -0.28 3.33
CA ASN A 26 6.39 0.86 2.95
C ASN A 26 7.87 0.48 2.92
N ALA A 27 8.56 0.89 1.87
CA ALA A 27 9.97 0.59 1.72
C ALA A 27 10.83 1.60 2.48
N ARG A 28 10.23 2.72 2.85
CA ARG A 28 10.94 3.77 3.59
C ARG A 28 10.86 3.54 5.08
N THR A 29 9.66 3.19 5.56
CA THR A 29 9.44 2.94 6.98
C THR A 29 9.52 1.45 7.29
N ARG A 30 9.49 0.63 6.25
CA ARG A 30 9.56 -0.82 6.42
C ARG A 30 8.49 -1.31 7.39
N GLU A 31 7.30 -0.71 7.30
CA GLU A 31 6.20 -1.09 8.19
C GLU A 31 5.09 -1.76 7.39
N SER A 32 4.09 -2.29 8.12
CA SER A 32 2.97 -2.95 7.48
C SER A 32 1.65 -2.30 7.89
N ALA A 33 0.89 -1.85 6.89
CA ALA A 33 -0.39 -1.21 7.14
C ALA A 33 -1.39 -1.55 6.03
N TRP A 34 -2.58 -2.00 6.44
CA TRP A 34 -3.63 -2.35 5.49
C TRP A 34 -3.72 -1.33 4.37
N THR A 35 -4.07 -0.10 4.74
CA THR A 35 -4.20 0.99 3.76
C THR A 35 -3.01 1.94 3.84
N LYS A 36 -2.83 2.74 2.79
CA LYS A 36 -1.74 3.69 2.74
C LYS A 36 -2.12 5.00 3.43
N PRO A 37 -1.12 5.69 3.98
CA PRO A 37 -1.32 6.96 4.68
C PRO A 37 -1.70 8.10 3.73
N ASP A 38 -2.28 9.16 4.28
CA ASP A 38 -2.68 10.30 3.48
C ASP A 38 -1.70 11.46 3.65
N GLY A 39 -1.52 12.23 2.58
CA GLY A 39 -0.61 13.36 2.62
C GLY A 39 0.83 12.92 2.81
N VAL A 40 1.26 11.94 2.03
CA VAL A 40 2.63 11.44 2.11
C VAL A 40 3.63 12.50 1.67
N GLY A 1 -17.66 11.35 -3.22
CA GLY A 1 -16.54 12.26 -3.35
C GLY A 1 -15.21 11.53 -3.46
N SER A 2 -15.01 10.85 -4.58
CA SER A 2 -13.77 10.11 -4.80
C SER A 2 -12.96 10.73 -5.93
N SER A 3 -11.65 10.45 -5.94
CA SER A 3 -10.76 10.97 -6.96
C SER A 3 -10.92 10.21 -8.27
N GLY A 4 -10.63 8.91 -8.22
CA GLY A 4 -10.73 8.08 -9.41
C GLY A 4 -9.86 8.58 -10.54
N SER A 5 -8.56 8.67 -10.30
CA SER A 5 -7.63 9.15 -11.31
C SER A 5 -6.28 8.45 -11.17
N SER A 6 -5.82 7.82 -12.25
CA SER A 6 -4.56 7.11 -12.25
C SER A 6 -3.43 8.00 -12.78
N GLY A 7 -2.58 8.48 -11.88
CA GLY A 7 -1.48 9.33 -12.28
C GLY A 7 -0.21 9.04 -11.49
N THR A 8 -0.33 8.99 -10.17
CA THR A 8 0.82 8.72 -9.31
C THR A 8 0.43 7.81 -8.15
N GLU A 9 1.40 7.05 -7.65
CA GLU A 9 1.17 6.14 -6.55
C GLU A 9 2.12 6.42 -5.39
N GLU A 10 1.96 5.68 -4.30
CA GLU A 10 2.81 5.86 -3.12
C GLU A 10 4.02 4.94 -3.19
N ILE A 11 4.88 5.05 -2.18
CA ILE A 11 6.09 4.23 -2.12
C ILE A 11 5.81 2.87 -1.48
N TRP A 12 4.56 2.67 -1.07
CA TRP A 12 4.16 1.41 -0.45
C TRP A 12 4.06 0.30 -1.49
N VAL A 13 4.12 -0.95 -1.02
CA VAL A 13 4.03 -2.10 -1.92
C VAL A 13 2.75 -2.89 -1.65
N GLU A 14 2.23 -3.51 -2.70
CA GLU A 14 1.01 -4.30 -2.59
C GLU A 14 1.33 -5.75 -2.22
N ASN A 15 0.82 -6.20 -1.08
CA ASN A 15 1.06 -7.56 -0.61
C ASN A 15 -0.20 -8.16 -0.01
N LYS A 16 -0.13 -9.43 0.38
CA LYS A 16 -1.27 -10.11 0.98
C LYS A 16 -0.81 -11.03 2.11
N THR A 17 -1.35 -10.80 3.30
CA THR A 17 -1.00 -11.60 4.47
C THR A 17 -1.15 -13.09 4.18
N PRO A 18 -0.41 -13.92 4.93
CA PRO A 18 -0.46 -15.37 4.77
C PRO A 18 -1.78 -15.97 5.23
N ASP A 19 -2.74 -15.11 5.53
CA ASP A 19 -4.05 -15.55 5.98
C ASP A 19 -5.13 -15.26 4.93
N GLY A 20 -4.88 -14.24 4.12
CA GLY A 20 -5.82 -13.88 3.08
C GLY A 20 -6.33 -12.45 3.21
N LYS A 21 -5.40 -11.52 3.37
CA LYS A 21 -5.75 -10.11 3.52
C LYS A 21 -4.72 -9.21 2.85
N VAL A 22 -5.15 -8.43 1.87
CA VAL A 22 -4.27 -7.53 1.14
C VAL A 22 -3.86 -6.34 2.02
N TYR A 23 -2.57 -6.07 2.07
CA TYR A 23 -2.05 -4.96 2.87
C TYR A 23 -0.99 -4.18 2.10
N TYR A 24 -0.48 -3.12 2.71
CA TYR A 24 0.55 -2.29 2.08
C TYR A 24 1.78 -2.18 2.97
N TYR A 25 2.96 -2.22 2.34
CA TYR A 25 4.22 -2.13 3.08
C TYR A 25 5.07 -0.98 2.55
N ASN A 26 5.49 -0.10 3.45
CA ASN A 26 6.32 1.04 3.08
C ASN A 26 7.79 0.64 2.97
N ALA A 27 8.41 0.98 1.85
CA ALA A 27 9.81 0.66 1.61
C ALA A 27 10.72 1.64 2.34
N ARG A 28 10.14 2.74 2.82
CA ARG A 28 10.91 3.76 3.55
C ARG A 28 10.85 3.51 5.05
N THR A 29 9.64 3.38 5.57
CA THR A 29 9.44 3.15 7.01
C THR A 29 9.51 1.67 7.34
N ARG A 30 9.35 0.84 6.31
CA ARG A 30 9.40 -0.61 6.50
C ARG A 30 8.29 -1.07 7.44
N GLU A 31 7.12 -0.45 7.33
CA GLU A 31 5.98 -0.80 8.18
C GLU A 31 4.94 -1.58 7.38
N SER A 32 3.94 -2.11 8.09
CA SER A 32 2.88 -2.88 7.45
C SER A 32 1.51 -2.37 7.89
N ALA A 33 0.73 -1.87 6.93
CA ALA A 33 -0.61 -1.36 7.22
C ALA A 33 -1.57 -1.67 6.09
N TRP A 34 -2.77 -2.10 6.43
CA TRP A 34 -3.79 -2.44 5.45
C TRP A 34 -3.87 -1.36 4.37
N THR A 35 -4.13 -0.13 4.79
CA THR A 35 -4.24 0.99 3.85
C THR A 35 -3.05 1.93 3.99
N LYS A 36 -2.84 2.76 2.97
CA LYS A 36 -1.74 3.72 2.98
C LYS A 36 -2.16 5.02 3.64
N PRO A 37 -1.21 5.67 4.33
CA PRO A 37 -1.46 6.95 5.01
C PRO A 37 -1.68 8.10 4.04
N ASP A 38 -2.13 9.23 4.57
CA ASP A 38 -2.39 10.41 3.74
C ASP A 38 -1.28 11.45 3.93
N GLY A 39 -0.78 11.98 2.82
CA GLY A 39 0.27 12.98 2.88
C GLY A 39 1.46 12.63 1.99
N VAL A 40 1.89 11.38 2.06
CA VAL A 40 3.02 10.93 1.26
C VAL A 40 2.58 10.57 -0.16
N GLY A 1 -5.93 -6.28 -6.37
CA GLY A 1 -5.28 -5.41 -7.35
C GLY A 1 -5.76 -3.98 -7.24
N SER A 2 -5.41 -3.17 -8.24
CA SER A 2 -5.81 -1.76 -8.26
C SER A 2 -6.74 -1.48 -9.44
N SER A 3 -7.51 -0.40 -9.32
CA SER A 3 -8.45 -0.02 -10.38
C SER A 3 -8.36 1.48 -10.65
N GLY A 4 -8.98 1.92 -11.75
CA GLY A 4 -8.97 3.32 -12.10
C GLY A 4 -7.66 3.75 -12.74
N SER A 5 -7.75 4.40 -13.89
CA SER A 5 -6.56 4.86 -14.60
C SER A 5 -5.93 6.04 -13.88
N SER A 6 -6.75 7.01 -13.51
CA SER A 6 -6.27 8.21 -12.81
C SER A 6 -6.02 7.91 -11.33
N GLY A 7 -5.06 8.63 -10.75
CA GLY A 7 -4.74 8.43 -9.35
C GLY A 7 -3.28 8.10 -9.13
N THR A 8 -2.56 9.03 -8.50
CA THR A 8 -1.14 8.84 -8.23
C THR A 8 -0.91 7.65 -7.31
N GLU A 9 0.19 6.93 -7.54
CA GLU A 9 0.52 5.77 -6.73
C GLU A 9 1.53 6.13 -5.64
N GLU A 10 1.60 5.31 -4.59
CA GLU A 10 2.52 5.55 -3.50
C GLU A 10 3.75 4.65 -3.61
N ILE A 11 4.67 4.80 -2.67
CA ILE A 11 5.89 4.00 -2.66
C ILE A 11 5.68 2.67 -1.96
N TRP A 12 4.46 2.45 -1.48
CA TRP A 12 4.12 1.21 -0.79
C TRP A 12 4.01 0.05 -1.76
N VAL A 13 4.13 -1.17 -1.24
CA VAL A 13 4.04 -2.37 -2.08
C VAL A 13 2.76 -3.13 -1.79
N GLU A 14 2.28 -3.86 -2.79
CA GLU A 14 1.07 -4.65 -2.65
C GLU A 14 1.38 -6.08 -2.21
N ASN A 15 0.87 -6.47 -1.05
CA ASN A 15 1.11 -7.80 -0.52
C ASN A 15 -0.17 -8.38 0.08
N LYS A 16 -0.09 -9.63 0.54
CA LYS A 16 -1.24 -10.30 1.13
C LYS A 16 -0.82 -11.14 2.33
N THR A 17 -1.39 -10.85 3.49
CA THR A 17 -1.07 -11.57 4.71
C THR A 17 -1.22 -13.08 4.51
N PRO A 18 -0.49 -13.86 5.33
CA PRO A 18 -0.53 -15.32 5.26
C PRO A 18 -1.87 -15.90 5.72
N ASP A 19 -2.85 -15.02 5.89
CA ASP A 19 -4.18 -15.44 6.32
C ASP A 19 -5.21 -15.21 5.22
N GLY A 20 -4.98 -14.20 4.40
CA GLY A 20 -5.89 -13.89 3.31
C GLY A 20 -6.38 -12.46 3.36
N LYS A 21 -5.45 -11.52 3.54
CA LYS A 21 -5.79 -10.10 3.60
C LYS A 21 -4.73 -9.25 2.91
N VAL A 22 -5.13 -8.54 1.86
CA VAL A 22 -4.21 -7.68 1.12
C VAL A 22 -3.84 -6.44 1.93
N TYR A 23 -2.55 -6.17 2.01
CA TYR A 23 -2.05 -5.02 2.76
C TYR A 23 -0.99 -4.26 1.95
N TYR A 24 -0.51 -3.16 2.52
CA TYR A 24 0.51 -2.35 1.86
C TYR A 24 1.72 -2.17 2.77
N TYR A 25 2.91 -2.30 2.18
CA TYR A 25 4.16 -2.16 2.92
C TYR A 25 4.99 -1.00 2.37
N ASN A 26 5.37 -0.09 3.27
CA ASN A 26 6.18 1.06 2.87
C ASN A 26 7.66 0.71 2.84
N ALA A 27 8.33 1.11 1.76
CA ALA A 27 9.75 0.84 1.61
C ALA A 27 10.60 1.94 2.23
N ARG A 28 9.94 3.02 2.66
CA ARG A 28 10.63 4.15 3.28
C ARG A 28 10.72 3.96 4.79
N THR A 29 9.62 3.55 5.41
CA THR A 29 9.59 3.33 6.84
C THR A 29 9.64 1.84 7.17
N ARG A 30 9.38 1.01 6.18
CA ARG A 30 9.40 -0.44 6.36
C ARG A 30 8.25 -0.88 7.26
N GLU A 31 7.14 -0.17 7.19
CA GLU A 31 5.97 -0.48 8.00
C GLU A 31 4.94 -1.27 7.19
N SER A 32 3.92 -1.79 7.87
CA SER A 32 2.88 -2.56 7.23
C SER A 32 1.49 -2.06 7.63
N ALA A 33 0.72 -1.59 6.66
CA ALA A 33 -0.63 -1.10 6.92
C ALA A 33 -1.58 -1.50 5.80
N TRP A 34 -2.77 -1.94 6.19
CA TRP A 34 -3.78 -2.37 5.22
C TRP A 34 -3.87 -1.37 4.07
N THR A 35 -4.20 -0.12 4.38
CA THR A 35 -4.32 0.91 3.37
C THR A 35 -3.13 1.87 3.41
N LYS A 36 -2.98 2.66 2.36
CA LYS A 36 -1.89 3.62 2.28
C LYS A 36 -2.27 4.96 2.92
N PRO A 37 -1.34 5.53 3.70
CA PRO A 37 -1.57 6.82 4.37
C PRO A 37 -1.63 7.99 3.40
N ASP A 38 -2.31 9.05 3.80
CA ASP A 38 -2.44 10.24 2.96
C ASP A 38 -1.49 11.34 3.43
N GLY A 39 -0.49 10.96 4.21
CA GLY A 39 0.47 11.92 4.70
C GLY A 39 1.89 11.59 4.32
N VAL A 40 2.14 11.48 3.01
CA VAL A 40 3.46 11.15 2.51
C VAL A 40 4.24 12.42 2.14
N GLY A 1 8.15 3.40 -14.58
CA GLY A 1 9.27 4.31 -14.41
C GLY A 1 10.54 3.58 -13.97
N SER A 2 11.68 4.19 -14.26
CA SER A 2 12.97 3.61 -13.91
C SER A 2 12.94 3.04 -12.50
N SER A 3 12.68 3.91 -11.52
CA SER A 3 12.63 3.50 -10.13
C SER A 3 11.18 3.32 -9.67
N GLY A 4 10.99 2.51 -8.63
CA GLY A 4 9.65 2.28 -8.11
C GLY A 4 8.89 1.24 -8.92
N SER A 5 7.99 0.53 -8.26
CA SER A 5 7.19 -0.51 -8.93
C SER A 5 6.00 0.12 -9.65
N SER A 6 5.16 0.82 -8.90
CA SER A 6 3.99 1.47 -9.47
C SER A 6 4.20 2.97 -9.63
N GLY A 7 3.68 3.53 -10.71
CA GLY A 7 3.83 4.94 -10.97
C GLY A 7 2.64 5.75 -10.49
N THR A 8 1.44 5.24 -10.79
CA THR A 8 0.21 5.93 -10.40
C THR A 8 -0.19 5.55 -8.97
N GLU A 9 0.76 5.01 -8.22
CA GLU A 9 0.50 4.61 -6.84
C GLU A 9 1.60 5.11 -5.91
N GLU A 10 1.32 5.08 -4.61
CA GLU A 10 2.29 5.54 -3.61
C GLU A 10 3.53 4.65 -3.60
N ILE A 11 4.49 5.00 -2.76
CA ILE A 11 5.73 4.24 -2.66
C ILE A 11 5.50 2.94 -1.91
N TRP A 12 4.25 2.65 -1.57
CA TRP A 12 3.90 1.43 -0.85
C TRP A 12 3.77 0.26 -1.81
N VAL A 13 3.98 -0.95 -1.29
CA VAL A 13 3.90 -2.16 -2.11
C VAL A 13 2.66 -2.97 -1.75
N GLU A 14 2.03 -3.55 -2.76
CA GLU A 14 0.83 -4.36 -2.56
C GLU A 14 1.19 -5.80 -2.22
N ASN A 15 0.64 -6.31 -1.13
CA ASN A 15 0.91 -7.67 -0.70
C ASN A 15 -0.30 -8.28 -0.02
N LYS A 16 -0.20 -9.55 0.36
CA LYS A 16 -1.30 -10.24 1.03
C LYS A 16 -0.77 -11.19 2.10
N THR A 17 -1.10 -10.92 3.35
CA THR A 17 -0.65 -11.75 4.47
C THR A 17 -0.98 -13.22 4.22
N PRO A 18 -0.31 -14.11 4.98
CA PRO A 18 -0.53 -15.56 4.86
C PRO A 18 -1.88 -15.99 5.37
N ASP A 19 -2.72 -15.02 5.71
CA ASP A 19 -4.06 -15.30 6.21
C ASP A 19 -5.10 -15.17 5.10
N GLY A 20 -5.06 -14.05 4.39
CA GLY A 20 -6.00 -13.82 3.31
C GLY A 20 -6.44 -12.37 3.22
N LYS A 21 -5.55 -11.46 3.58
CA LYS A 21 -5.85 -10.04 3.54
C LYS A 21 -4.72 -9.26 2.85
N VAL A 22 -5.10 -8.30 2.03
CA VAL A 22 -4.13 -7.48 1.31
C VAL A 22 -3.68 -6.29 2.15
N TYR A 23 -2.38 -6.04 2.18
CA TYR A 23 -1.83 -4.93 2.96
C TYR A 23 -0.85 -4.12 2.12
N TYR A 24 -0.32 -3.05 2.70
CA TYR A 24 0.64 -2.20 2.00
C TYR A 24 1.91 -2.02 2.83
N TYR A 25 3.05 -2.34 2.23
CA TYR A 25 4.33 -2.21 2.91
C TYR A 25 5.12 -1.02 2.37
N ASN A 26 5.56 -0.14 3.27
CA ASN A 26 6.32 1.03 2.88
C ASN A 26 7.82 0.74 2.87
N ALA A 27 8.47 1.07 1.76
CA ALA A 27 9.90 0.84 1.63
C ALA A 27 10.71 1.92 2.35
N ARG A 28 10.02 2.97 2.79
CA ARG A 28 10.66 4.08 3.47
C ARG A 28 10.64 3.86 4.99
N THR A 29 9.47 3.50 5.51
CA THR A 29 9.31 3.27 6.94
C THR A 29 9.48 1.78 7.28
N ARG A 30 9.25 0.93 6.29
CA ARG A 30 9.37 -0.51 6.48
C ARG A 30 8.31 -1.02 7.44
N GLU A 31 7.09 -0.49 7.31
CA GLU A 31 5.98 -0.89 8.17
C GLU A 31 4.91 -1.61 7.37
N SER A 32 3.90 -2.13 8.07
CA SER A 32 2.82 -2.86 7.43
C SER A 32 1.46 -2.25 7.81
N ALA A 33 0.66 -1.92 6.81
CA ALA A 33 -0.66 -1.34 7.04
C ALA A 33 -1.61 -1.67 5.90
N TRP A 34 -2.82 -2.11 6.25
CA TRP A 34 -3.82 -2.45 5.24
C TRP A 34 -3.94 -1.35 4.20
N THR A 35 -4.24 -0.14 4.65
CA THR A 35 -4.39 1.00 3.75
C THR A 35 -3.20 1.95 3.87
N LYS A 36 -2.90 2.64 2.78
CA LYS A 36 -1.78 3.60 2.76
C LYS A 36 -2.19 4.93 3.39
N PRO A 37 -1.26 5.52 4.14
CA PRO A 37 -1.49 6.81 4.81
C PRO A 37 -1.60 7.97 3.83
N ASP A 38 -2.19 9.07 4.28
CA ASP A 38 -2.36 10.25 3.44
C ASP A 38 -1.19 11.21 3.62
N GLY A 39 -0.91 12.01 2.60
CA GLY A 39 0.19 12.96 2.66
C GLY A 39 1.52 12.30 2.96
N VAL A 40 1.86 11.29 2.17
CA VAL A 40 3.11 10.56 2.35
C VAL A 40 4.28 11.33 1.75
#